data_6ELE
#
_entry.id   6ELE
#
_cell.length_a   51.417
_cell.length_b   74.131
_cell.length_c   76.515
_cell.angle_alpha   101.93
_cell.angle_beta   102.23
_cell.angle_gamma   111.27
#
_symmetry.space_group_name_H-M   'P 1'
#
loop_
_entity.id
_entity.type
_entity.pdbx_description
1 polymer 'fAB heavy chain'
2 polymer 'fAB light chain'
3 non-polymer 1,2-ETHANEDIOL
4 non-polymer 'SODIUM ION'
5 water water
#
loop_
_entity_poly.entity_id
_entity_poly.type
_entity_poly.pdbx_seq_one_letter_code
_entity_poly.pdbx_strand_id
1 'polypeptide(L)'
;EVQLVESGGGLVQPGGSLRLSCATSGFDFSRYWMSWVRQAPGKGLVWIGEVNPDSTSINYTPSLKDQFTISRDNAKNTLY
LQMNSLRAEDTAVYYCTRPNYYGSRYHYYAMDYWGQGTLVTVSSASTKGPSVFPLAPSSKSTSGGTAALGCLVKDYFPEP
VTVSWNSGALTSGVHTFPAVLQSSGLYSLSSVVTVPSSSLGTQTYICNVNHKPSNTKVDKRVEPKSC
;
A,H
2 'polypeptide(L)'
;DIQMTQSPSSLSASVGDRVTITCRASQDINNYLNWYQQKPGKAPKLLIYYTSRLHSGVPSRFSGSGSGTDFTFTISSLQP
EDIATYYCQQGSTLPFTFGQGTKLEIKRTVAAPSVFIFPPSDEQLKSGTASVVCLLNNFYPREAKVQWKVDNALQSGNSQ
ESVTEQDSKDSTYSLSSTLTLSKADYEKHKVYACEVTHQGLSSPVTKSFNRGEC
;
B,L
#
loop_
_chem_comp.id
_chem_comp.type
_chem_comp.name
_chem_comp.formula
EDO non-polymer 1,2-ETHANEDIOL 'C2 H6 O2'
NA non-polymer 'SODIUM ION' 'Na 1'
#
# COMPACT_ATOMS: atom_id res chain seq x y z
N GLU A 1 29.46 -24.69 -8.14
CA GLU A 1 28.28 -24.29 -8.90
C GLU A 1 28.54 -23.04 -9.79
N VAL A 2 27.66 -22.81 -10.77
CA VAL A 2 27.79 -21.65 -11.68
C VAL A 2 27.78 -20.36 -10.86
N GLN A 3 28.76 -19.47 -11.11
CA GLN A 3 28.82 -18.16 -10.45
C GLN A 3 29.01 -17.06 -11.49
N LEU A 4 28.25 -15.95 -11.36
CA LEU A 4 28.28 -14.78 -12.26
C LEU A 4 28.41 -13.58 -11.35
N VAL A 5 29.51 -12.82 -11.47
CA VAL A 5 29.79 -11.69 -10.59
C VAL A 5 30.06 -10.46 -11.48
N GLU A 6 29.11 -9.49 -11.47
CA GLU A 6 29.24 -8.23 -12.21
C GLU A 6 30.01 -7.22 -11.37
N SER A 7 30.79 -6.36 -12.04
CA SER A 7 31.54 -5.26 -11.45
C SER A 7 31.62 -4.08 -12.44
N GLY A 8 31.92 -2.90 -11.89
CA GLY A 8 32.11 -1.69 -12.69
C GLY A 8 31.04 -0.63 -12.55
N GLY A 9 29.94 -0.95 -11.88
CA GLY A 9 28.86 -0.01 -11.65
C GLY A 9 29.23 1.14 -10.74
N GLY A 10 28.66 2.29 -11.03
CA GLY A 10 28.85 3.51 -10.28
C GLY A 10 28.23 4.68 -11.01
N LEU A 11 28.76 5.87 -10.73
CA LEU A 11 28.22 7.09 -11.26
C LEU A 11 28.77 7.39 -12.64
N VAL A 12 27.85 7.71 -13.59
CA VAL A 12 28.18 8.07 -14.99
C VAL A 12 27.49 9.40 -15.26
N GLN A 13 28.25 10.37 -15.74
CA GLN A 13 27.66 11.66 -16.12
C GLN A 13 26.80 11.45 -17.38
N PRO A 14 25.70 12.21 -17.60
CA PRO A 14 24.96 12.08 -18.88
C PRO A 14 25.91 12.29 -20.07
N GLY A 15 25.82 11.45 -21.09
CA GLY A 15 26.73 11.52 -22.22
C GLY A 15 28.04 10.75 -22.00
N GLY A 16 28.20 10.19 -20.78
CA GLY A 16 29.37 9.44 -20.36
C GLY A 16 29.40 7.98 -20.77
N SER A 17 30.57 7.35 -20.64
CA SER A 17 30.79 5.94 -20.99
CA SER A 17 30.77 5.94 -20.99
C SER A 17 31.33 5.14 -19.80
N LEU A 18 31.07 3.82 -19.79
CA LEU A 18 31.52 2.94 -18.72
C LEU A 18 31.55 1.51 -19.24
N ARG A 19 32.54 0.73 -18.79
CA ARG A 19 32.60 -0.68 -19.16
C ARG A 19 32.29 -1.53 -17.91
N LEU A 20 31.34 -2.47 -18.06
CA LEU A 20 31.01 -3.40 -17.00
C LEU A 20 31.68 -4.74 -17.30
N SER A 21 32.02 -5.49 -16.26
CA SER A 21 32.60 -6.82 -16.45
C SER A 21 31.79 -7.83 -15.64
N CYS A 22 31.70 -9.04 -16.13
CA CYS A 22 31.04 -10.14 -15.46
C CYS A 22 32.03 -11.31 -15.45
N ALA A 23 32.69 -11.49 -14.31
CA ALA A 23 33.67 -12.57 -14.06
C ALA A 23 32.87 -13.81 -13.72
N THR A 24 33.24 -14.94 -14.33
CA THR A 24 32.51 -16.19 -14.14
C THR A 24 33.36 -17.27 -13.52
N SER A 25 32.69 -18.25 -12.92
CA SER A 25 33.35 -19.44 -12.41
C SER A 25 32.35 -20.59 -12.43
N GLY A 26 32.87 -21.83 -12.35
CA GLY A 26 32.05 -23.03 -12.23
C GLY A 26 31.53 -23.63 -13.51
N PHE A 27 32.01 -23.13 -14.66
CA PHE A 27 31.58 -23.64 -15.96
C PHE A 27 32.53 -23.22 -17.05
N ASP A 28 32.51 -23.99 -18.13
CA ASP A 28 33.32 -23.71 -19.29
C ASP A 28 32.60 -22.63 -20.11
N PHE A 29 32.87 -21.36 -19.74
CA PHE A 29 32.36 -20.13 -20.32
C PHE A 29 32.36 -20.13 -21.86
N SER A 30 33.45 -20.65 -22.47
CA SER A 30 33.67 -20.74 -23.92
C SER A 30 32.62 -21.56 -24.70
N ARG A 31 31.85 -22.41 -24.02
CA ARG A 31 30.82 -23.24 -24.65
C ARG A 31 29.40 -22.62 -24.58
N TYR A 32 29.24 -21.46 -23.89
CA TYR A 32 27.93 -20.86 -23.67
C TYR A 32 27.71 -19.49 -24.30
N TRP A 33 26.44 -19.23 -24.69
CA TRP A 33 26.01 -17.90 -25.10
C TRP A 33 25.93 -17.17 -23.74
N MET A 34 26.09 -15.85 -23.75
CA MET A 34 26.00 -15.03 -22.53
C MET A 34 25.14 -13.81 -22.86
N SER A 35 24.43 -13.24 -21.86
CA SER A 35 23.51 -12.12 -22.08
C SER A 35 23.53 -11.08 -20.96
N TRP A 36 22.96 -9.90 -21.24
CA TRP A 36 22.79 -8.83 -20.28
C TRP A 36 21.32 -8.47 -20.23
N VAL A 37 20.84 -8.21 -19.02
CA VAL A 37 19.46 -7.80 -18.75
C VAL A 37 19.57 -6.65 -17.76
N ARG A 38 18.71 -5.66 -17.87
CA ARG A 38 18.72 -4.55 -16.93
C ARG A 38 17.37 -4.33 -16.27
N GLN A 39 17.40 -3.59 -15.16
CA GLN A 39 16.19 -3.32 -14.39
C GLN A 39 16.36 -1.95 -13.74
N ALA A 40 15.55 -0.98 -14.19
CA ALA A 40 15.54 0.37 -13.64
C ALA A 40 14.93 0.27 -12.21
N PRO A 41 15.32 1.13 -11.25
CA PRO A 41 14.77 1.02 -9.87
C PRO A 41 13.23 1.01 -9.82
N GLY A 42 12.71 -0.04 -9.19
CA GLY A 42 11.28 -0.27 -9.02
C GLY A 42 10.52 -0.66 -10.28
N LYS A 43 11.23 -0.96 -11.39
CA LYS A 43 10.61 -1.31 -12.68
C LYS A 43 10.86 -2.76 -13.11
N GLY A 44 10.46 -3.07 -14.35
CA GLY A 44 10.59 -4.39 -14.97
C GLY A 44 11.96 -4.74 -15.51
N LEU A 45 12.05 -5.95 -16.09
CA LEU A 45 13.30 -6.47 -16.65
C LEU A 45 13.31 -6.17 -18.15
N VAL A 46 14.45 -5.68 -18.63
CA VAL A 46 14.69 -5.34 -20.05
C VAL A 46 15.93 -6.10 -20.59
N TRP A 47 15.72 -6.96 -21.60
CA TRP A 47 16.77 -7.72 -22.24
C TRP A 47 17.60 -6.75 -23.07
N ILE A 48 18.92 -6.74 -22.87
CA ILE A 48 19.80 -5.84 -23.63
C ILE A 48 20.29 -6.57 -24.86
N GLY A 49 20.84 -7.76 -24.67
CA GLY A 49 21.37 -8.53 -25.78
C GLY A 49 22.18 -9.74 -25.36
N GLU A 50 22.71 -10.44 -26.36
CA GLU A 50 23.43 -11.70 -26.16
C GLU A 50 24.61 -11.83 -27.14
N VAL A 51 25.56 -12.68 -26.77
CA VAL A 51 26.75 -12.96 -27.57
C VAL A 51 26.94 -14.47 -27.61
N ASN A 52 27.27 -15.02 -28.79
CA ASN A 52 27.49 -16.45 -28.87
C ASN A 52 28.94 -16.78 -28.47
N PRO A 53 29.32 -18.07 -28.30
CA PRO A 53 30.68 -18.38 -27.84
C PRO A 53 31.88 -17.77 -28.61
N ASP A 54 31.89 -17.84 -29.95
CA ASP A 54 33.00 -17.30 -30.74
C ASP A 54 32.81 -15.83 -31.17
N SER A 55 31.76 -15.13 -30.63
CA SER A 55 31.44 -13.72 -30.89
C SER A 55 31.06 -13.39 -32.35
N THR A 56 30.57 -14.40 -33.12
CA THR A 56 30.17 -14.19 -34.51
C THR A 56 28.71 -13.72 -34.60
N SER A 57 27.90 -13.98 -33.54
CA SER A 57 26.52 -13.51 -33.46
C SER A 57 26.36 -12.69 -32.19
N ILE A 58 26.06 -11.39 -32.33
CA ILE A 58 25.78 -10.47 -31.23
C ILE A 58 24.44 -9.80 -31.54
N ASN A 59 23.44 -10.04 -30.70
CA ASN A 59 22.08 -9.54 -30.92
C ASN A 59 21.69 -8.56 -29.85
N TYR A 60 21.01 -7.49 -30.22
CA TYR A 60 20.59 -6.47 -29.27
C TYR A 60 19.12 -6.16 -29.40
N THR A 61 18.52 -5.60 -28.33
CA THR A 61 17.18 -5.05 -28.41
C THR A 61 17.39 -3.75 -29.29
N PRO A 62 16.62 -3.59 -30.38
CA PRO A 62 16.86 -2.46 -31.31
C PRO A 62 16.95 -1.08 -30.70
N SER A 63 16.06 -0.77 -29.73
CA SER A 63 16.03 0.53 -29.06
C SER A 63 17.27 0.88 -28.24
N LEU A 64 18.16 -0.09 -27.97
CA LEU A 64 19.36 0.16 -27.16
C LEU A 64 20.66 -0.10 -27.87
N LYS A 65 20.62 -0.45 -29.16
CA LYS A 65 21.83 -0.75 -29.94
C LYS A 65 22.91 0.38 -29.90
N ASP A 66 22.54 1.67 -29.81
CA ASP A 66 23.53 2.77 -29.70
C ASP A 66 24.22 2.84 -28.31
N GLN A 67 23.49 2.55 -27.28
CA GLN A 67 23.97 2.67 -25.90
C GLN A 67 24.88 1.53 -25.47
N PHE A 68 24.84 0.37 -26.15
CA PHE A 68 25.57 -0.83 -25.71
C PHE A 68 26.30 -1.59 -26.80
N THR A 69 27.49 -2.10 -26.42
CA THR A 69 28.32 -3.00 -27.21
C THR A 69 28.75 -4.14 -26.26
N ILE A 70 28.32 -5.35 -26.61
CA ILE A 70 28.60 -6.59 -25.88
C ILE A 70 29.84 -7.24 -26.48
N SER A 71 30.71 -7.75 -25.60
CA SER A 71 31.91 -8.46 -26.00
C SER A 71 32.25 -9.50 -24.92
N ARG A 72 33.24 -10.35 -25.19
CA ARG A 72 33.66 -11.39 -24.27
C ARG A 72 35.11 -11.73 -24.46
N ASP A 73 35.72 -12.28 -23.41
CA ASP A 73 37.11 -12.73 -23.45
C ASP A 73 37.10 -14.16 -22.91
N ASN A 74 37.00 -15.14 -23.83
CA ASN A 74 36.93 -16.55 -23.44
C ASN A 74 38.12 -17.00 -22.60
N ALA A 75 39.33 -16.42 -22.83
CA ALA A 75 40.54 -16.75 -22.06
C ALA A 75 40.41 -16.33 -20.61
N LYS A 76 39.71 -15.20 -20.34
CA LYS A 76 39.48 -14.69 -18.98
C LYS A 76 38.13 -15.07 -18.40
N ASN A 77 37.32 -15.86 -19.14
CA ASN A 77 35.96 -16.29 -18.73
C ASN A 77 35.13 -15.07 -18.29
N THR A 78 35.27 -13.96 -19.03
CA THR A 78 34.66 -12.70 -18.70
C THR A 78 33.83 -12.15 -19.84
N LEU A 79 32.63 -11.68 -19.47
CA LEU A 79 31.68 -11.01 -20.34
C LEU A 79 31.78 -9.50 -20.07
N TYR A 80 31.73 -8.70 -21.14
CA TYR A 80 31.75 -7.25 -20.97
C TYR A 80 30.50 -6.57 -21.55
N LEU A 81 30.23 -5.37 -21.05
CA LEU A 81 29.19 -4.48 -21.53
C LEU A 81 29.79 -3.10 -21.61
N GLN A 82 30.02 -2.66 -22.84
CA GLN A 82 30.51 -1.30 -23.07
C GLN A 82 29.25 -0.41 -23.18
N MET A 83 29.09 0.55 -22.26
CA MET A 83 27.97 1.50 -22.17
C MET A 83 28.45 2.82 -22.81
N ASN A 84 27.69 3.36 -23.77
CA ASN A 84 28.09 4.53 -24.56
C ASN A 84 27.09 5.69 -24.41
N SER A 85 27.58 6.92 -24.12
CA SER A 85 26.77 8.15 -24.05
C SER A 85 25.45 7.95 -23.29
N LEU A 86 25.56 7.46 -22.04
CA LEU A 86 24.39 7.11 -21.23
C LEU A 86 23.45 8.29 -20.96
N ARG A 87 22.17 7.97 -20.77
CA ARG A 87 21.11 8.94 -20.52
C ARG A 87 20.53 8.64 -19.11
N ALA A 88 19.74 9.57 -18.55
CA ALA A 88 19.11 9.40 -17.23
C ALA A 88 18.23 8.13 -17.23
N GLU A 89 17.59 7.81 -18.39
CA GLU A 89 16.74 6.63 -18.57
C GLU A 89 17.50 5.31 -18.52
N ASP A 90 18.85 5.35 -18.60
CA ASP A 90 19.70 4.16 -18.52
C ASP A 90 20.11 3.78 -17.08
N THR A 91 19.69 4.57 -16.05
CA THR A 91 19.94 4.23 -14.66
C THR A 91 19.25 2.90 -14.38
N ALA A 92 20.04 1.86 -14.01
CA ALA A 92 19.53 0.52 -13.76
C ALA A 92 20.56 -0.38 -13.12
N VAL A 93 20.08 -1.52 -12.63
CA VAL A 93 20.90 -2.62 -12.16
C VAL A 93 21.08 -3.43 -13.45
N TYR A 94 22.32 -3.72 -13.78
CA TYR A 94 22.72 -4.48 -14.97
C TYR A 94 23.14 -5.90 -14.51
N TYR A 95 22.44 -6.93 -15.03
CA TYR A 95 22.64 -8.34 -14.73
C TYR A 95 23.25 -9.08 -15.91
N CYS A 96 24.29 -9.89 -15.66
CA CYS A 96 24.77 -10.76 -16.71
C CYS A 96 24.07 -12.10 -16.42
N THR A 97 23.69 -12.79 -17.48
CA THR A 97 22.91 -13.99 -17.38
C THR A 97 23.46 -14.98 -18.36
N ARG A 98 23.21 -16.25 -18.08
CA ARG A 98 23.59 -17.36 -18.92
C ARG A 98 22.35 -18.04 -19.53
N PRO A 99 22.15 -17.90 -20.85
CA PRO A 99 21.07 -18.65 -21.52
C PRO A 99 21.38 -20.14 -21.57
N ASN A 100 20.32 -20.96 -21.61
CA ASN A 100 20.36 -22.43 -21.70
C ASN A 100 19.01 -22.98 -22.21
N TYR A 101 18.98 -24.28 -22.60
CA TYR A 101 17.83 -25.01 -23.16
C TYR A 101 17.45 -24.48 -24.56
N TYR A 109 15.47 -21.35 -24.71
CA TYR A 109 15.70 -19.92 -24.75
C TYR A 109 15.46 -19.27 -23.36
N ALA A 110 15.92 -19.95 -22.28
CA ALA A 110 15.77 -19.46 -20.89
C ALA A 110 17.12 -19.13 -20.23
N MET A 111 17.12 -18.13 -19.36
CA MET A 111 18.27 -17.65 -18.61
C MET A 111 18.30 -18.33 -17.24
N ASP A 112 19.06 -19.45 -17.13
CA ASP A 112 19.07 -20.28 -15.92
C ASP A 112 19.94 -19.73 -14.79
N TYR A 113 20.95 -18.90 -15.10
CA TYR A 113 21.77 -18.33 -14.03
C TYR A 113 21.90 -16.86 -14.22
N TRP A 114 21.85 -16.09 -13.13
CA TRP A 114 21.91 -14.63 -13.14
C TRP A 114 22.89 -14.19 -12.07
N GLY A 115 23.60 -13.10 -12.34
CA GLY A 115 24.46 -12.49 -11.34
C GLY A 115 23.63 -11.67 -10.39
N GLN A 116 24.26 -11.10 -9.34
CA GLN A 116 23.57 -10.25 -8.38
C GLN A 116 23.33 -8.84 -8.93
N GLY A 117 24.00 -8.52 -10.02
CA GLY A 117 23.81 -7.25 -10.71
C GLY A 117 24.70 -6.16 -10.21
N THR A 118 24.88 -5.12 -11.05
CA THR A 118 25.65 -3.93 -10.65
C THR A 118 24.84 -2.69 -11.01
N LEU A 119 24.66 -1.76 -10.04
CA LEU A 119 23.86 -0.56 -10.26
C LEU A 119 24.69 0.54 -10.94
N VAL A 120 24.16 1.07 -12.03
CA VAL A 120 24.77 2.18 -12.80
C VAL A 120 23.81 3.36 -12.66
N THR A 121 24.28 4.47 -12.07
CA THR A 121 23.50 5.67 -11.85
C THR A 121 23.98 6.72 -12.84
N VAL A 122 23.05 7.28 -13.62
CA VAL A 122 23.43 8.33 -14.56
C VAL A 122 22.97 9.64 -13.96
N SER A 123 23.95 10.47 -13.53
CA SER A 123 23.69 11.73 -12.84
C SER A 123 24.83 12.73 -12.97
N SER A 124 24.49 14.02 -12.92
CA SER A 124 25.43 15.15 -12.99
C SER A 124 26.09 15.46 -11.64
N ALA A 125 25.71 14.75 -10.56
CA ALA A 125 26.28 14.95 -9.24
C ALA A 125 27.69 14.34 -9.13
N SER A 126 28.27 14.31 -7.92
CA SER A 126 29.61 13.76 -7.69
C SER A 126 29.58 12.57 -6.73
N THR A 127 30.59 11.69 -6.82
CA THR A 127 30.69 10.50 -5.96
C THR A 127 31.14 10.91 -4.56
N LYS A 128 30.51 10.34 -3.51
CA LYS A 128 30.88 10.61 -2.11
C LYS A 128 30.79 9.31 -1.28
N GLY A 129 31.87 8.99 -0.57
CA GLY A 129 31.91 7.81 0.28
C GLY A 129 31.16 8.04 1.59
N PRO A 130 30.60 6.98 2.21
CA PRO A 130 29.86 7.17 3.46
C PRO A 130 30.71 7.32 4.71
N SER A 131 30.07 7.86 5.76
CA SER A 131 30.61 7.89 7.11
C SER A 131 29.83 6.76 7.84
N VAL A 132 30.53 5.92 8.60
CA VAL A 132 29.87 4.80 9.29
C VAL A 132 29.88 5.02 10.82
N PHE A 133 28.69 4.94 11.46
CA PHE A 133 28.57 5.14 12.91
C PHE A 133 27.85 3.97 13.61
N PRO A 134 28.25 3.60 14.86
CA PRO A 134 27.53 2.52 15.56
C PRO A 134 26.18 2.98 16.14
N LEU A 135 25.21 2.04 16.17
CA LEU A 135 23.90 2.15 16.82
C LEU A 135 23.99 1.16 18.00
N ALA A 136 24.37 1.67 19.19
CA ALA A 136 24.64 0.82 20.34
C ALA A 136 23.46 0.56 21.29
N PRO A 137 23.31 -0.70 21.77
CA PRO A 137 22.25 -1.01 22.75
C PRO A 137 22.63 -0.55 24.16
N SER A 138 21.66 -0.60 25.11
CA SER A 138 21.83 -0.25 26.53
C SER A 138 20.80 -1.00 27.39
N GLY A 145 15.33 -9.78 27.11
CA GLY A 145 15.85 -11.01 26.51
C GLY A 145 16.54 -10.80 25.17
N THR A 146 15.99 -9.88 24.35
CA THR A 146 16.50 -9.55 23.03
C THR A 146 17.01 -8.11 22.97
N ALA A 147 18.19 -7.93 22.39
CA ALA A 147 18.81 -6.63 22.23
C ALA A 147 18.95 -6.31 20.73
N ALA A 148 19.01 -5.03 20.40
CA ALA A 148 19.22 -4.60 19.01
C ALA A 148 20.47 -3.75 18.94
N LEU A 149 21.23 -3.92 17.87
CA LEU A 149 22.36 -3.04 17.60
C LEU A 149 22.42 -2.80 16.10
N GLY A 150 23.27 -1.88 15.70
CA GLY A 150 23.37 -1.61 14.29
C GLY A 150 24.45 -0.65 13.89
N CYS A 151 24.37 -0.23 12.62
CA CYS A 151 25.28 0.72 11.99
C CYS A 151 24.52 1.68 11.15
N LEU A 152 24.87 2.94 11.26
CA LEU A 152 24.32 4.04 10.47
C LEU A 152 25.34 4.38 9.40
N VAL A 153 24.94 4.20 8.13
CA VAL A 153 25.75 4.47 6.92
C VAL A 153 25.22 5.79 6.32
N LYS A 154 25.94 6.88 6.56
CA LYS A 154 25.45 8.23 6.24
C LYS A 154 26.19 8.98 5.15
N ASP A 155 25.43 9.81 4.43
CA ASP A 155 25.94 10.78 3.44
C ASP A 155 26.79 10.20 2.34
N TYR A 156 26.22 9.36 1.51
CA TYR A 156 26.93 8.80 0.37
C TYR A 156 26.18 9.00 -0.95
N PHE A 157 26.89 8.88 -2.05
CA PHE A 157 26.38 9.01 -3.40
C PHE A 157 27.35 8.38 -4.39
N PRO A 158 26.86 7.66 -5.40
CA PRO A 158 25.46 7.23 -5.62
C PRO A 158 25.16 6.00 -4.76
N GLU A 159 24.00 5.37 -4.98
CA GLU A 159 23.74 4.08 -4.38
C GLU A 159 24.61 3.05 -5.18
N PRO A 160 24.90 1.86 -4.62
CA PRO A 160 24.41 1.31 -3.36
C PRO A 160 25.53 1.09 -2.33
N VAL A 161 25.10 0.80 -1.11
CA VAL A 161 26.05 0.32 -0.12
C VAL A 161 25.57 -1.09 0.25
N THR A 162 26.51 -1.98 0.51
CA THR A 162 26.23 -3.32 1.00
C THR A 162 26.75 -3.39 2.43
N VAL A 163 25.99 -4.07 3.28
CA VAL A 163 26.36 -4.24 4.68
C VAL A 163 26.27 -5.73 5.06
N SER A 164 27.31 -6.22 5.68
CA SER A 164 27.30 -7.57 6.24
C SER A 164 27.65 -7.46 7.74
N TRP A 165 27.41 -8.52 8.52
CA TRP A 165 27.75 -8.55 9.93
C TRP A 165 28.72 -9.68 10.19
N ASN A 166 29.81 -9.37 10.92
CA ASN A 166 30.85 -10.33 11.32
C ASN A 166 31.38 -11.10 10.12
N SER A 167 31.68 -10.36 9.03
CA SER A 167 32.17 -10.83 7.73
C SER A 167 31.26 -11.91 7.09
N GLY A 168 29.97 -11.87 7.39
CA GLY A 168 28.99 -12.80 6.84
C GLY A 168 28.60 -13.94 7.74
N ALA A 169 29.25 -14.07 8.92
CA ALA A 169 28.93 -15.13 9.89
C ALA A 169 27.56 -14.89 10.55
N LEU A 170 27.16 -13.60 10.69
CA LEU A 170 25.88 -13.21 11.29
C LEU A 170 24.88 -12.75 10.22
N THR A 171 23.82 -13.56 9.99
CA THR A 171 22.77 -13.30 8.99
C THR A 171 21.36 -13.28 9.59
N SER A 172 21.08 -14.17 10.58
CA SER A 172 19.75 -14.25 11.21
C SER A 172 19.48 -12.97 11.98
N GLY A 173 18.27 -12.43 11.82
CA GLY A 173 17.84 -11.22 12.49
C GLY A 173 18.36 -9.93 11.89
N VAL A 174 19.08 -9.99 10.77
CA VAL A 174 19.63 -8.78 10.13
C VAL A 174 18.56 -8.10 9.26
N HIS A 175 18.43 -6.77 9.40
CA HIS A 175 17.59 -5.94 8.57
C HIS A 175 18.42 -4.76 8.07
N THR A 176 18.67 -4.69 6.75
CA THR A 176 19.36 -3.56 6.11
C THR A 176 18.28 -2.78 5.39
N PHE A 177 18.00 -1.58 5.89
CA PHE A 177 16.93 -0.74 5.35
C PHE A 177 17.22 -0.15 3.96
N PRO A 178 16.17 0.07 3.10
CA PRO A 178 16.42 0.75 1.82
C PRO A 178 16.92 2.16 2.13
N ALA A 179 17.85 2.64 1.33
CA ALA A 179 18.40 3.99 1.52
C ALA A 179 17.33 5.07 1.37
N VAL A 180 17.49 6.17 2.09
CA VAL A 180 16.64 7.34 1.98
C VAL A 180 17.46 8.50 1.39
N LEU A 181 16.85 9.27 0.49
CA LEU A 181 17.50 10.43 -0.08
C LEU A 181 17.30 11.56 0.92
N GLN A 182 18.39 12.11 1.45
CA GLN A 182 18.29 13.19 2.44
C GLN A 182 18.10 14.55 1.75
N SER A 183 17.77 15.60 2.52
CA SER A 183 17.59 16.97 2.00
C SER A 183 18.86 17.49 1.25
N SER A 184 20.05 17.00 1.66
CA SER A 184 21.37 17.31 1.08
C SER A 184 21.59 16.68 -0.31
N GLY A 185 20.71 15.76 -0.70
CA GLY A 185 20.84 15.03 -1.96
C GLY A 185 21.74 13.81 -1.81
N LEU A 186 22.19 13.51 -0.56
CA LEU A 186 23.03 12.34 -0.25
C LEU A 186 22.19 11.26 0.38
N TYR A 187 22.59 10.00 0.19
CA TYR A 187 21.86 8.88 0.76
C TYR A 187 22.31 8.54 2.17
N SER A 188 21.45 7.87 2.90
CA SER A 188 21.71 7.36 4.23
C SER A 188 20.88 6.11 4.42
N LEU A 189 21.43 5.14 5.13
CA LEU A 189 20.71 3.93 5.51
C LEU A 189 21.22 3.41 6.84
N SER A 190 20.46 2.51 7.43
CA SER A 190 20.86 1.82 8.65
C SER A 190 20.73 0.35 8.44
N SER A 191 21.62 -0.40 9.10
CA SER A 191 21.57 -1.85 9.14
C SER A 191 21.48 -2.22 10.61
N VAL A 192 20.53 -3.08 10.96
CA VAL A 192 20.27 -3.50 12.35
C VAL A 192 20.22 -5.01 12.46
N VAL A 193 20.47 -5.49 13.67
CA VAL A 193 20.43 -6.91 14.01
C VAL A 193 19.94 -7.05 15.46
N THR A 194 19.06 -8.02 15.67
CA THR A 194 18.62 -8.36 17.03
C THR A 194 19.40 -9.59 17.46
N VAL A 195 19.85 -9.61 18.71
CA VAL A 195 20.68 -10.69 19.28
C VAL A 195 20.23 -10.99 20.71
N PRO A 196 20.63 -12.13 21.36
CA PRO A 196 20.26 -12.30 22.78
C PRO A 196 21.01 -11.24 23.62
N SER A 197 20.31 -10.62 24.57
CA SER A 197 20.89 -9.54 25.39
C SER A 197 22.09 -10.00 26.25
N SER A 198 22.10 -11.30 26.62
CA SER A 198 23.18 -11.92 27.40
C SER A 198 24.49 -12.01 26.58
N SER A 199 24.38 -11.88 25.24
CA SER A 199 25.53 -11.92 24.34
C SER A 199 26.25 -10.55 24.21
N LEU A 200 25.62 -9.46 24.69
CA LEU A 200 26.17 -8.09 24.62
C LEU A 200 27.55 -7.93 25.25
N GLY A 201 27.79 -8.60 26.37
CA GLY A 201 29.10 -8.55 27.00
C GLY A 201 30.04 -9.59 26.43
N THR A 202 29.46 -10.67 25.87
CA THR A 202 30.14 -11.88 25.36
C THR A 202 30.67 -11.81 23.92
N GLN A 203 29.79 -11.50 22.94
CA GLN A 203 30.10 -11.54 21.50
C GLN A 203 30.50 -10.17 20.90
N THR A 204 31.41 -10.20 19.90
CA THR A 204 31.86 -9.01 19.17
C THR A 204 31.00 -8.81 17.93
N TYR A 205 30.52 -7.58 17.75
CA TYR A 205 29.66 -7.25 16.62
C TYR A 205 30.29 -6.18 15.77
N ILE A 206 30.52 -6.50 14.50
CA ILE A 206 31.15 -5.64 13.52
C ILE A 206 30.35 -5.60 12.24
N CYS A 207 29.99 -4.41 11.78
CA CYS A 207 29.30 -4.28 10.50
C CYS A 207 30.35 -3.98 9.44
N ASN A 208 30.26 -4.66 8.32
CA ASN A 208 31.19 -4.50 7.21
C ASN A 208 30.47 -3.76 6.11
N VAL A 209 30.89 -2.53 5.89
CA VAL A 209 30.24 -1.67 4.92
C VAL A 209 31.08 -1.53 3.64
N ASN A 210 30.46 -1.78 2.49
CA ASN A 210 31.15 -1.60 1.22
C ASN A 210 30.38 -0.65 0.29
N HIS A 211 31.04 0.45 -0.12
CA HIS A 211 30.51 1.39 -1.10
C HIS A 211 31.44 1.33 -2.32
N LYS A 212 31.17 0.38 -3.24
CA LYS A 212 31.96 0.13 -4.45
C LYS A 212 32.11 1.39 -5.34
N PRO A 213 31.05 2.23 -5.57
CA PRO A 213 31.23 3.43 -6.40
C PRO A 213 32.33 4.39 -5.96
N SER A 214 32.68 4.45 -4.67
CA SER A 214 33.76 5.29 -4.15
C SER A 214 34.96 4.46 -3.63
N ASN A 215 34.91 3.11 -3.80
CA ASN A 215 35.91 2.17 -3.30
C ASN A 215 36.17 2.36 -1.78
N THR A 216 35.06 2.58 -1.01
CA THR A 216 35.09 2.75 0.45
C THR A 216 34.71 1.42 1.10
N LYS A 217 35.56 0.93 1.99
CA LYS A 217 35.35 -0.27 2.82
C LYS A 217 35.61 0.15 4.26
N VAL A 218 34.63 -0.08 5.14
CA VAL A 218 34.73 0.30 6.55
C VAL A 218 34.20 -0.88 7.39
N ASP A 219 34.94 -1.23 8.44
CA ASP A 219 34.57 -2.22 9.42
C ASP A 219 34.39 -1.43 10.72
N LYS A 220 33.18 -1.44 11.26
CA LYS A 220 32.91 -0.71 12.49
C LYS A 220 32.46 -1.65 13.58
N ARG A 221 33.23 -1.70 14.67
CA ARG A 221 32.88 -2.48 15.85
C ARG A 221 31.74 -1.72 16.57
N VAL A 222 30.67 -2.44 16.98
CA VAL A 222 29.50 -1.88 17.67
C VAL A 222 29.45 -2.47 19.08
N GLU A 223 29.73 -1.62 20.08
CA GLU A 223 29.77 -2.03 21.48
C GLU A 223 28.79 -1.28 22.39
N PRO A 224 28.19 -1.92 23.42
CA PRO A 224 27.25 -1.21 24.29
C PRO A 224 27.91 -0.39 25.39
N ASP B 1 8.66 -5.77 -31.57
CA ASP B 1 9.04 -6.59 -30.41
C ASP B 1 7.75 -7.09 -29.76
N ILE B 2 7.69 -8.39 -29.43
CA ILE B 2 6.51 -8.99 -28.81
C ILE B 2 6.21 -8.35 -27.44
N GLN B 3 4.99 -7.83 -27.26
CA GLN B 3 4.58 -7.25 -25.97
C GLN B 3 3.95 -8.32 -25.12
N MET B 4 4.44 -8.43 -23.89
CA MET B 4 4.04 -9.40 -22.86
C MET B 4 3.30 -8.63 -21.77
N THR B 5 2.07 -9.08 -21.47
CA THR B 5 1.22 -8.45 -20.45
C THR B 5 0.86 -9.46 -19.34
N GLN B 6 1.09 -9.07 -18.10
CA GLN B 6 0.77 -9.91 -16.94
C GLN B 6 -0.40 -9.37 -16.18
N SER B 7 -1.18 -10.28 -15.61
CA SER B 7 -2.30 -9.91 -14.77
C SER B 7 -2.50 -10.93 -13.64
N PRO B 8 -2.78 -10.51 -12.40
CA PRO B 8 -2.80 -9.10 -11.92
C PRO B 8 -1.39 -8.53 -11.90
N SER B 9 -1.26 -7.20 -11.78
CA SER B 9 0.03 -6.52 -11.65
C SER B 9 0.49 -6.66 -10.18
N SER B 10 -0.48 -6.75 -9.26
CA SER B 10 -0.16 -6.89 -7.84
C SER B 10 -1.29 -7.68 -7.21
N LEU B 11 -0.95 -8.52 -6.23
CA LEU B 11 -1.96 -9.25 -5.45
C LEU B 11 -1.47 -9.62 -4.04
N SER B 12 -2.43 -9.68 -3.08
CA SER B 12 -2.18 -10.13 -1.70
C SER B 12 -2.92 -11.45 -1.50
N ALA B 13 -2.27 -12.43 -0.89
CA ALA B 13 -2.91 -13.73 -0.68
C ALA B 13 -2.38 -14.32 0.62
N SER B 14 -3.08 -15.32 1.17
CA SER B 14 -2.64 -15.86 2.43
C SER B 14 -1.91 -17.18 2.26
N VAL B 15 -1.06 -17.51 3.23
CA VAL B 15 -0.33 -18.80 3.25
C VAL B 15 -1.33 -19.95 3.13
N GLY B 16 -1.09 -20.85 2.18
CA GLY B 16 -2.00 -21.98 1.94
C GLY B 16 -2.88 -21.78 0.72
N ASP B 17 -2.97 -20.54 0.20
CA ASP B 17 -3.83 -20.23 -0.95
C ASP B 17 -3.29 -20.74 -2.25
N ARG B 18 -4.19 -21.11 -3.18
CA ARG B 18 -3.79 -21.43 -4.54
C ARG B 18 -3.74 -20.04 -5.22
N VAL B 19 -2.61 -19.71 -5.84
CA VAL B 19 -2.43 -18.40 -6.48
C VAL B 19 -2.20 -18.62 -7.99
N THR B 20 -2.95 -17.90 -8.84
CA THR B 20 -2.81 -18.00 -10.29
C THR B 20 -2.55 -16.64 -10.91
N ILE B 21 -1.53 -16.56 -11.76
CA ILE B 21 -1.11 -15.36 -12.49
C ILE B 21 -1.18 -15.69 -13.97
N THR B 22 -1.59 -14.71 -14.78
CA THR B 22 -1.70 -14.88 -16.24
C THR B 22 -0.69 -14.01 -16.97
N CYS B 23 -0.33 -14.46 -18.15
CA CYS B 23 0.59 -13.79 -19.03
C CYS B 23 -0.03 -13.92 -20.40
N ARG B 24 -0.08 -12.81 -21.16
CA ARG B 24 -0.62 -12.79 -22.52
C ARG B 24 0.42 -12.17 -23.45
N ALA B 25 0.68 -12.85 -24.59
CA ALA B 25 1.64 -12.41 -25.63
C ALA B 25 0.89 -11.71 -26.79
N SER B 26 1.49 -10.62 -27.35
CA SER B 26 0.89 -9.85 -28.46
C SER B 26 0.74 -10.67 -29.77
N GLN B 27 1.52 -11.76 -29.90
CA GLN B 27 1.42 -12.69 -31.01
C GLN B 27 1.70 -14.11 -30.50
N ASP B 28 1.36 -15.13 -31.29
CA ASP B 28 1.57 -16.53 -30.94
C ASP B 28 3.07 -16.75 -30.73
N ILE B 29 3.44 -17.37 -29.60
CA ILE B 29 4.84 -17.65 -29.22
C ILE B 29 4.99 -19.15 -28.99
N ASN B 30 3.99 -19.92 -29.46
CA ASN B 30 3.87 -21.38 -29.30
C ASN B 30 4.01 -21.75 -27.81
N ASN B 31 5.09 -22.41 -27.40
CA ASN B 31 5.28 -22.76 -26.01
C ASN B 31 6.59 -22.17 -25.43
N TYR B 32 7.21 -21.20 -26.14
CA TYR B 32 8.46 -20.56 -25.71
C TYR B 32 8.19 -19.44 -24.71
N LEU B 33 7.77 -19.86 -23.51
CA LEU B 33 7.41 -19.00 -22.39
C LEU B 33 8.06 -19.49 -21.08
N ASN B 34 8.78 -18.58 -20.44
CA ASN B 34 9.52 -18.84 -19.21
C ASN B 34 9.00 -17.95 -18.09
N TRP B 35 9.11 -18.43 -16.85
CA TRP B 35 8.71 -17.70 -15.64
C TRP B 35 9.87 -17.53 -14.71
N TYR B 36 10.04 -16.32 -14.19
CA TYR B 36 11.10 -16.01 -13.25
C TYR B 36 10.49 -15.47 -11.99
N GLN B 37 11.17 -15.73 -10.87
CA GLN B 37 10.82 -15.24 -9.55
C GLN B 37 11.93 -14.32 -9.10
N GLN B 38 11.57 -13.15 -8.62
CA GLN B 38 12.55 -12.21 -8.08
C GLN B 38 12.20 -11.84 -6.66
N LYS B 39 12.95 -12.41 -5.71
CA LYS B 39 12.76 -12.17 -4.27
C LYS B 39 13.30 -10.79 -3.93
N PRO B 40 12.76 -10.13 -2.86
CA PRO B 40 13.20 -8.77 -2.55
C PRO B 40 14.71 -8.68 -2.34
N GLY B 41 15.32 -7.68 -2.98
CA GLY B 41 16.75 -7.43 -2.96
C GLY B 41 17.63 -8.45 -3.66
N LYS B 42 17.02 -9.41 -4.42
CA LYS B 42 17.73 -10.48 -5.11
C LYS B 42 17.56 -10.44 -6.62
N ALA B 43 18.39 -11.19 -7.33
CA ALA B 43 18.30 -11.34 -8.79
C ALA B 43 17.17 -12.30 -9.13
N PRO B 44 16.55 -12.16 -10.34
CA PRO B 44 15.56 -13.16 -10.78
C PRO B 44 16.13 -14.57 -10.82
N LYS B 45 15.25 -15.55 -10.63
CA LYS B 45 15.58 -16.97 -10.65
C LYS B 45 14.60 -17.67 -11.57
N LEU B 46 15.12 -18.53 -12.43
CA LEU B 46 14.27 -19.31 -13.33
C LEU B 46 13.47 -20.38 -12.57
N LEU B 47 12.13 -20.37 -12.77
CA LEU B 47 11.25 -21.36 -12.13
C LEU B 47 10.72 -22.34 -13.15
N ILE B 48 10.15 -21.83 -14.24
CA ILE B 48 9.50 -22.63 -15.28
C ILE B 48 10.04 -22.23 -16.64
N TYR B 49 10.27 -23.21 -17.51
CA TYR B 49 10.72 -22.97 -18.85
C TYR B 49 9.86 -23.80 -19.78
N TYR B 50 9.74 -23.37 -21.04
CA TYR B 50 8.95 -24.02 -22.08
C TYR B 50 7.50 -24.28 -21.60
N THR B 51 6.88 -23.20 -21.00
CA THR B 51 5.49 -23.14 -20.51
C THR B 51 5.22 -23.90 -19.19
N SER B 52 5.62 -25.18 -19.11
CA SER B 52 5.27 -26.07 -18.01
C SER B 52 6.40 -26.88 -17.38
N ARG B 53 7.64 -26.71 -17.85
CA ARG B 53 8.73 -27.52 -17.34
C ARG B 53 9.40 -26.88 -16.14
N LEU B 54 9.41 -27.61 -15.01
CA LEU B 54 10.06 -27.13 -13.80
C LEU B 54 11.56 -27.16 -13.96
N HIS B 55 12.23 -26.06 -13.58
CA HIS B 55 13.68 -25.99 -13.60
C HIS B 55 14.21 -26.86 -12.43
N SER B 56 15.48 -27.32 -12.51
CA SER B 56 16.10 -28.14 -11.48
C SER B 56 16.05 -27.53 -10.08
N GLY B 57 15.49 -28.29 -9.14
CA GLY B 57 15.38 -27.91 -7.73
C GLY B 57 14.23 -27.00 -7.32
N VAL B 58 13.31 -26.72 -8.25
CA VAL B 58 12.15 -25.83 -8.01
C VAL B 58 11.02 -26.63 -7.32
N PRO B 59 10.45 -26.13 -6.19
CA PRO B 59 9.37 -26.87 -5.51
C PRO B 59 8.20 -27.25 -6.40
N SER B 60 7.64 -28.46 -6.18
CA SER B 60 6.53 -29.05 -6.92
C SER B 60 5.23 -28.22 -6.87
N ARG B 61 5.12 -27.27 -5.93
CA ARG B 61 3.95 -26.38 -5.82
C ARG B 61 3.84 -25.36 -6.99
N PHE B 62 4.93 -25.15 -7.74
CA PHE B 62 4.91 -24.24 -8.89
C PHE B 62 4.58 -25.05 -10.15
N SER B 63 3.67 -24.52 -11.00
CA SER B 63 3.31 -25.13 -12.28
C SER B 63 2.98 -24.04 -13.31
N GLY B 64 2.99 -24.40 -14.60
CA GLY B 64 2.68 -23.49 -15.70
C GLY B 64 1.86 -24.19 -16.77
N SER B 65 0.98 -23.45 -17.45
CA SER B 65 0.17 -23.97 -18.54
C SER B 65 -0.12 -22.89 -19.60
N GLY B 66 -0.71 -23.31 -20.72
CA GLY B 66 -1.11 -22.45 -21.82
C GLY B 66 -0.42 -22.81 -23.12
N SER B 67 -0.66 -21.99 -24.14
CA SER B 67 -0.08 -22.11 -25.49
C SER B 67 -0.52 -20.89 -26.29
N GLY B 68 0.19 -20.64 -27.39
CA GLY B 68 -0.13 -19.55 -28.30
C GLY B 68 0.08 -18.18 -27.69
N THR B 69 -1.02 -17.56 -27.22
CA THR B 69 -0.94 -16.20 -26.64
C THR B 69 -1.29 -16.12 -25.15
N ASP B 70 -1.86 -17.19 -24.55
CA ASP B 70 -2.32 -17.11 -23.16
C ASP B 70 -1.68 -18.15 -22.26
N PHE B 71 -1.07 -17.70 -21.15
CA PHE B 71 -0.34 -18.57 -20.24
C PHE B 71 -0.71 -18.32 -18.78
N THR B 72 -0.57 -19.35 -17.94
CA THR B 72 -0.86 -19.25 -16.51
C THR B 72 0.28 -19.83 -15.68
N PHE B 73 0.57 -19.18 -14.57
CA PHE B 73 1.56 -19.61 -13.59
C PHE B 73 0.77 -19.82 -12.30
N THR B 74 0.94 -20.98 -11.67
CA THR B 74 0.21 -21.34 -10.46
C THR B 74 1.12 -21.79 -9.34
N ILE B 75 0.82 -21.31 -8.11
CA ILE B 75 1.43 -21.77 -6.88
C ILE B 75 0.26 -22.53 -6.20
N SER B 76 0.39 -23.85 -6.05
CA SER B 76 -0.69 -24.69 -5.51
C SER B 76 -1.06 -24.36 -4.05
N SER B 77 -0.05 -23.98 -3.26
CA SER B 77 -0.21 -23.65 -1.86
C SER B 77 0.89 -22.67 -1.50
N LEU B 78 0.55 -21.38 -1.42
CA LEU B 78 1.44 -20.28 -1.10
C LEU B 78 2.19 -20.49 0.21
N GLN B 79 3.52 -20.22 0.18
CA GLN B 79 4.40 -20.33 1.35
C GLN B 79 5.03 -18.97 1.65
N PRO B 80 5.43 -18.66 2.90
CA PRO B 80 6.02 -17.34 3.16
C PRO B 80 7.22 -16.97 2.26
N GLU B 81 8.10 -17.94 1.94
CA GLU B 81 9.26 -17.72 1.06
C GLU B 81 8.87 -17.36 -0.40
N ASP B 82 7.55 -17.43 -0.76
CA ASP B 82 7.09 -17.12 -2.12
C ASP B 82 6.87 -15.61 -2.37
N ILE B 83 7.12 -14.73 -1.37
CA ILE B 83 7.01 -13.27 -1.48
C ILE B 83 8.03 -12.87 -2.54
N ALA B 84 7.55 -12.26 -3.65
CA ALA B 84 8.40 -11.91 -4.77
C ALA B 84 7.60 -11.22 -5.87
N THR B 85 8.31 -10.78 -6.93
CA THR B 85 7.74 -10.29 -8.17
C THR B 85 8.02 -11.37 -9.19
N TYR B 86 6.98 -11.84 -9.85
CA TYR B 86 7.05 -12.92 -10.86
C TYR B 86 6.99 -12.29 -12.26
N TYR B 87 7.86 -12.75 -13.17
CA TYR B 87 7.91 -12.26 -14.55
C TYR B 87 7.80 -13.38 -15.55
N CYS B 88 7.03 -13.16 -16.60
CA CYS B 88 7.02 -14.08 -17.75
C CYS B 88 7.99 -13.52 -18.77
N GLN B 89 8.43 -14.35 -19.72
CA GLN B 89 9.41 -13.93 -20.71
C GLN B 89 9.23 -14.82 -21.88
N GLN B 90 9.01 -14.20 -23.04
CA GLN B 90 8.84 -14.92 -24.31
C GLN B 90 10.23 -15.17 -24.88
N GLY B 91 10.42 -16.37 -25.43
CA GLY B 91 11.68 -16.78 -26.04
C GLY B 91 11.50 -17.26 -27.46
N SER B 92 10.44 -16.78 -28.14
CA SER B 92 10.07 -17.16 -29.49
C SER B 92 10.83 -16.32 -30.53
N THR B 93 10.84 -14.98 -30.38
CA THR B 93 11.51 -14.10 -31.33
C THR B 93 12.37 -13.04 -30.64
N LEU B 94 13.43 -12.64 -31.32
CA LEU B 94 14.32 -11.58 -30.87
C LEU B 94 13.65 -10.22 -31.13
N PRO B 95 13.80 -9.22 -30.26
CA PRO B 95 14.48 -9.30 -28.96
C PRO B 95 13.59 -10.04 -27.95
N PHE B 96 14.19 -10.82 -27.04
CA PHE B 96 13.44 -11.48 -25.96
C PHE B 96 12.86 -10.38 -25.08
N THR B 97 11.62 -10.56 -24.65
CA THR B 97 10.86 -9.57 -23.87
C THR B 97 10.17 -10.21 -22.69
N PHE B 98 10.01 -9.39 -21.63
CA PHE B 98 9.42 -9.78 -20.36
C PHE B 98 8.09 -9.06 -20.17
N GLY B 99 7.24 -9.68 -19.34
CA GLY B 99 6.01 -9.09 -18.86
C GLY B 99 6.43 -8.04 -17.84
N GLN B 100 5.52 -7.16 -17.45
CA GLN B 100 5.86 -6.08 -16.51
C GLN B 100 6.02 -6.55 -15.04
N GLY B 101 5.70 -7.82 -14.75
CA GLY B 101 5.81 -8.39 -13.41
C GLY B 101 4.54 -8.36 -12.60
N THR B 102 4.41 -9.32 -11.69
CA THR B 102 3.30 -9.45 -10.76
C THR B 102 3.90 -9.52 -9.40
N LYS B 103 3.63 -8.51 -8.59
CA LYS B 103 4.13 -8.41 -7.24
C LYS B 103 3.16 -9.17 -6.30
N LEU B 104 3.67 -10.24 -5.70
CA LEU B 104 2.91 -11.11 -4.78
C LEU B 104 3.26 -10.81 -3.32
N GLU B 105 2.26 -10.28 -2.58
CA GLU B 105 2.37 -9.95 -1.16
C GLU B 105 1.56 -10.95 -0.29
N ILE B 106 1.92 -11.06 0.99
CA ILE B 106 1.25 -11.99 1.88
C ILE B 106 0.47 -11.30 2.98
N LYS B 107 -0.78 -11.71 3.13
CA LYS B 107 -1.65 -11.27 4.21
C LYS B 107 -1.52 -12.29 5.35
N ARG B 108 -1.29 -11.81 6.56
CA ARG B 108 -1.11 -12.66 7.75
C ARG B 108 -1.72 -11.97 8.97
N THR B 109 -1.63 -12.61 10.14
CA THR B 109 -2.20 -12.05 11.37
C THR B 109 -1.38 -10.89 11.87
N VAL B 110 -2.00 -10.08 12.74
CA VAL B 110 -1.37 -8.91 13.35
C VAL B 110 -0.18 -9.37 14.20
N ALA B 111 0.93 -8.62 14.07
CA ALA B 111 2.14 -8.80 14.88
C ALA B 111 2.61 -7.44 15.38
N ALA B 112 2.67 -7.26 16.69
CA ALA B 112 3.14 -5.99 17.24
C ALA B 112 4.67 -5.82 17.05
N PRO B 113 5.15 -4.58 16.86
CA PRO B 113 6.59 -4.39 16.72
C PRO B 113 7.31 -4.44 18.07
N SER B 114 8.57 -4.86 18.05
CA SER B 114 9.48 -4.75 19.18
C SER B 114 10.17 -3.38 18.90
N VAL B 115 10.23 -2.48 19.92
CA VAL B 115 10.77 -1.13 19.71
C VAL B 115 12.11 -0.94 20.41
N PHE B 116 13.05 -0.25 19.73
CA PHE B 116 14.38 0.07 20.23
C PHE B 116 14.76 1.49 19.84
N ILE B 117 15.44 2.19 20.73
CA ILE B 117 15.92 3.54 20.50
C ILE B 117 17.44 3.52 20.63
N PHE B 118 18.11 4.25 19.76
CA PHE B 118 19.57 4.40 19.69
C PHE B 118 19.96 5.86 19.76
N PRO B 119 20.85 6.20 20.70
CA PRO B 119 21.32 7.59 20.75
C PRO B 119 22.35 7.86 19.66
N PRO B 120 22.73 9.13 19.34
CA PRO B 120 23.86 9.32 18.44
C PRO B 120 25.15 8.84 19.12
N SER B 121 26.07 8.32 18.33
CA SER B 121 27.37 7.86 18.80
C SER B 121 28.27 9.09 19.08
N ASP B 122 29.23 8.95 19.99
CA ASP B 122 30.17 10.04 20.29
C ASP B 122 31.02 10.38 19.06
N GLU B 123 31.25 9.39 18.15
CA GLU B 123 32.02 9.57 16.91
C GLU B 123 31.29 10.56 15.98
N GLN B 124 29.96 10.38 15.82
CA GLN B 124 29.14 11.28 15.00
C GLN B 124 29.06 12.67 15.65
N LEU B 125 28.85 12.72 16.97
CA LEU B 125 28.77 13.98 17.72
C LEU B 125 30.00 14.87 17.51
N LYS B 126 31.21 14.27 17.43
CA LYS B 126 32.47 14.96 17.17
C LYS B 126 32.48 15.63 15.80
N SER B 127 31.66 15.13 14.83
CA SER B 127 31.59 15.70 13.48
C SER B 127 30.58 16.86 13.35
N GLY B 128 29.73 17.08 14.35
CA GLY B 128 28.78 18.18 14.35
C GLY B 128 27.32 17.83 14.11
N THR B 129 27.04 16.53 13.93
CA THR B 129 25.69 16.04 13.67
C THR B 129 25.27 14.97 14.68
N ALA B 130 23.96 14.82 14.86
CA ALA B 130 23.34 13.86 15.76
C ALA B 130 22.14 13.23 15.08
N SER B 131 22.20 11.91 14.90
CA SER B 131 21.10 11.17 14.33
C SER B 131 20.61 10.22 15.41
N VAL B 132 19.31 10.30 15.74
CA VAL B 132 18.64 9.47 16.75
C VAL B 132 17.80 8.48 15.96
N VAL B 133 17.90 7.18 16.28
CA VAL B 133 17.19 6.14 15.51
C VAL B 133 16.23 5.36 16.40
N CYS B 134 14.99 5.17 15.90
CA CYS B 134 13.93 4.39 16.53
C CYS B 134 13.68 3.22 15.57
N LEU B 135 13.76 1.98 16.06
CA LEU B 135 13.58 0.78 15.25
C LEU B 135 12.29 0.07 15.68
N LEU B 136 11.44 -0.29 14.72
CA LEU B 136 10.19 -1.03 14.91
C LEU B 136 10.46 -2.34 14.21
N ASN B 137 10.63 -3.40 14.98
CA ASN B 137 11.05 -4.66 14.42
C ASN B 137 9.99 -5.70 14.29
N ASN B 138 9.93 -6.34 13.09
CA ASN B 138 9.09 -7.50 12.77
C ASN B 138 7.62 -7.34 13.11
N PHE B 139 6.93 -6.41 12.44
CA PHE B 139 5.51 -6.14 12.67
C PHE B 139 4.64 -6.33 11.44
N TYR B 140 3.33 -6.38 11.67
CA TYR B 140 2.32 -6.60 10.62
C TYR B 140 0.96 -6.11 11.16
N PRO B 141 0.18 -5.31 10.42
CA PRO B 141 0.40 -4.82 9.05
C PRO B 141 1.43 -3.69 8.99
N ARG B 142 1.73 -3.25 7.77
CA ARG B 142 2.73 -2.22 7.46
C ARG B 142 2.50 -0.86 8.17
N GLU B 143 1.23 -0.54 8.45
CA GLU B 143 0.79 0.72 9.05
C GLU B 143 1.26 0.92 10.48
N ALA B 144 1.98 2.01 10.73
CA ALA B 144 2.50 2.31 12.06
C ALA B 144 2.72 3.80 12.20
N LYS B 145 2.60 4.33 13.43
CA LYS B 145 2.86 5.75 13.66
C LYS B 145 4.00 5.85 14.66
N VAL B 146 4.99 6.66 14.34
CA VAL B 146 6.12 6.91 15.20
C VAL B 146 6.15 8.40 15.46
N GLN B 147 6.20 8.80 16.74
CA GLN B 147 6.26 10.19 17.15
C GLN B 147 7.47 10.43 18.03
N TRP B 148 8.28 11.44 17.68
CA TRP B 148 9.44 11.80 18.45
C TRP B 148 9.03 12.74 19.55
N LYS B 149 9.55 12.51 20.76
CA LYS B 149 9.30 13.35 21.92
C LYS B 149 10.61 13.76 22.54
N VAL B 150 10.78 15.06 22.72
CA VAL B 150 11.98 15.60 23.32
C VAL B 150 11.59 16.37 24.56
N ASP B 151 12.06 15.88 25.73
CA ASP B 151 11.75 16.40 27.07
C ASP B 151 10.24 16.31 27.33
N ASN B 152 9.66 15.14 26.95
CA ASN B 152 8.23 14.77 27.07
C ASN B 152 7.29 15.68 26.25
N ALA B 153 7.85 16.49 25.34
CA ALA B 153 7.12 17.41 24.45
C ALA B 153 7.27 16.95 23.00
N LEU B 154 6.22 17.15 22.18
CA LEU B 154 6.25 16.77 20.76
C LEU B 154 7.28 17.57 19.96
N GLN B 155 8.15 16.85 19.24
CA GLN B 155 9.22 17.44 18.41
C GLN B 155 8.86 17.36 16.93
N SER B 156 8.91 18.53 16.24
CA SER B 156 8.58 18.66 14.82
C SER B 156 9.81 18.91 13.93
N GLY B 157 10.82 18.05 14.07
CA GLY B 157 12.07 18.16 13.33
C GLY B 157 12.16 17.32 12.08
N ASN B 158 13.39 17.13 11.60
CA ASN B 158 13.69 16.39 10.39
C ASN B 158 13.76 14.89 10.70
N SER B 159 12.64 14.18 10.53
CA SER B 159 12.64 12.73 10.73
C SER B 159 12.21 12.02 9.42
N GLN B 160 12.97 11.00 8.98
CA GLN B 160 12.71 10.23 7.75
C GLN B 160 12.53 8.77 8.12
N GLU B 161 11.56 8.09 7.48
CA GLU B 161 11.28 6.67 7.73
C GLU B 161 11.68 5.80 6.56
N SER B 162 12.16 4.59 6.87
CA SER B 162 12.50 3.59 5.85
C SER B 162 11.82 2.30 6.31
N VAL B 163 11.28 1.50 5.35
CA VAL B 163 10.56 0.25 5.67
C VAL B 163 11.14 -0.84 4.82
N THR B 164 11.34 -2.03 5.39
CA THR B 164 11.88 -3.14 4.61
C THR B 164 10.72 -3.74 3.79
N GLU B 165 11.06 -4.61 2.85
CA GLU B 165 10.06 -5.42 2.15
C GLU B 165 9.62 -6.54 3.13
N GLN B 166 8.52 -7.31 2.82
CA GLN B 166 8.12 -8.40 3.70
C GLN B 166 9.18 -9.46 3.84
N ASP B 167 9.40 -9.91 5.06
CA ASP B 167 10.36 -10.96 5.39
C ASP B 167 9.93 -12.28 4.74
N SER B 168 10.88 -13.04 4.17
CA SER B 168 10.55 -14.31 3.49
C SER B 168 10.23 -15.45 4.45
N LYS B 169 10.43 -15.26 5.76
CA LYS B 169 10.15 -16.34 6.70
C LYS B 169 8.87 -16.12 7.48
N ASP B 170 8.63 -14.89 7.97
CA ASP B 170 7.43 -14.57 8.76
C ASP B 170 6.49 -13.46 8.16
N SER B 171 6.78 -12.94 6.94
CA SER B 171 5.94 -11.92 6.24
C SER B 171 5.74 -10.61 6.99
N THR B 172 6.64 -10.30 7.92
CA THR B 172 6.58 -9.08 8.69
C THR B 172 7.42 -7.98 8.01
N TYR B 173 7.31 -6.76 8.53
CA TYR B 173 8.06 -5.58 8.08
C TYR B 173 8.85 -5.07 9.28
N SER B 174 9.91 -4.31 9.01
CA SER B 174 10.63 -3.55 10.03
C SER B 174 10.70 -2.12 9.51
N LEU B 175 10.86 -1.16 10.40
CA LEU B 175 10.86 0.23 10.02
C LEU B 175 11.84 0.97 10.90
N SER B 176 12.54 1.92 10.32
CA SER B 176 13.42 2.79 11.09
C SER B 176 12.89 4.23 10.90
N SER B 177 12.97 5.05 11.95
CA SER B 177 12.64 6.46 11.90
C SER B 177 13.92 7.14 12.42
N THR B 178 14.50 8.08 11.64
CA THR B 178 15.75 8.73 12.00
C THR B 178 15.50 10.20 12.14
N LEU B 179 15.80 10.74 13.33
CA LEU B 179 15.69 12.16 13.60
C LEU B 179 17.10 12.71 13.48
N THR B 180 17.30 13.69 12.57
CA THR B 180 18.59 14.35 12.34
C THR B 180 18.56 15.76 12.92
N LEU B 181 19.53 16.04 13.77
CA LEU B 181 19.68 17.33 14.44
C LEU B 181 21.12 17.70 14.40
N SER B 182 21.38 18.99 14.47
CA SER B 182 22.75 19.45 14.58
C SER B 182 23.17 19.12 16.03
N LYS B 183 24.47 18.91 16.26
CA LYS B 183 25.03 18.67 17.60
C LYS B 183 24.55 19.78 18.57
N ALA B 184 24.55 21.06 18.12
CA ALA B 184 24.13 22.22 18.91
C ALA B 184 22.66 22.08 19.41
N ASP B 185 21.74 21.65 18.52
CA ASP B 185 20.31 21.45 18.82
C ASP B 185 20.08 20.21 19.67
N TYR B 186 20.81 19.10 19.36
CA TYR B 186 20.75 17.87 20.16
C TYR B 186 21.06 18.16 21.64
N GLU B 187 21.98 19.10 21.87
CA GLU B 187 22.38 19.46 23.22
C GLU B 187 21.38 20.40 23.97
N LYS B 188 20.31 20.91 23.29
CA LYS B 188 19.29 21.78 23.92
C LYS B 188 18.23 20.98 24.70
N HIS B 189 18.30 19.62 24.61
CA HIS B 189 17.34 18.75 25.30
C HIS B 189 17.99 17.57 26.01
N LYS B 190 17.31 17.00 27.03
CA LYS B 190 17.85 15.90 27.83
C LYS B 190 17.25 14.53 27.52
N VAL B 191 15.92 14.43 27.50
CA VAL B 191 15.24 13.15 27.27
C VAL B 191 14.82 13.01 25.83
N TYR B 192 15.24 11.92 25.18
CA TYR B 192 14.86 11.63 23.79
C TYR B 192 14.01 10.40 23.78
N ALA B 193 12.83 10.49 23.21
CA ALA B 193 11.92 9.36 23.20
C ALA B 193 11.21 9.18 21.85
N CYS B 194 10.88 7.94 21.48
CA CYS B 194 10.03 7.66 20.33
C CYS B 194 8.84 6.85 20.81
N GLU B 195 7.65 7.31 20.41
CA GLU B 195 6.36 6.74 20.79
C GLU B 195 5.75 6.08 19.57
N VAL B 196 5.39 4.81 19.74
CA VAL B 196 4.88 3.97 18.66
C VAL B 196 3.45 3.55 18.85
N THR B 197 2.65 3.70 17.78
CA THR B 197 1.26 3.27 17.69
C THR B 197 1.19 2.27 16.56
N HIS B 198 0.54 1.14 16.83
CA HIS B 198 0.36 0.07 15.87
C HIS B 198 -0.87 -0.74 16.32
N GLN B 199 -1.53 -1.40 15.36
CA GLN B 199 -2.71 -2.24 15.62
C GLN B 199 -2.48 -3.32 16.69
N GLY B 200 -1.26 -3.89 16.76
CA GLY B 200 -0.92 -4.93 17.73
C GLY B 200 -0.62 -4.40 19.12
N LEU B 201 -0.59 -3.08 19.29
CA LEU B 201 -0.30 -2.47 20.59
C LEU B 201 -1.58 -1.92 21.17
N SER B 202 -1.99 -2.42 22.36
CA SER B 202 -3.22 -2.01 23.03
C SER B 202 -3.14 -0.56 23.44
N SER B 203 -1.94 -0.10 23.84
CA SER B 203 -1.65 1.30 24.18
C SER B 203 -0.25 1.66 23.60
N PRO B 204 0.07 2.95 23.32
CA PRO B 204 1.38 3.27 22.72
C PRO B 204 2.60 2.87 23.54
N VAL B 205 3.65 2.40 22.85
CA VAL B 205 4.91 1.99 23.48
C VAL B 205 5.92 3.13 23.33
N THR B 206 6.58 3.52 24.43
CA THR B 206 7.63 4.54 24.37
C THR B 206 8.96 3.93 24.78
N LYS B 207 10.01 4.24 24.00
CA LYS B 207 11.38 3.87 24.31
C LYS B 207 12.15 5.18 24.40
N SER B 208 12.98 5.35 25.44
CA SER B 208 13.70 6.60 25.64
C SER B 208 15.09 6.46 26.23
N PHE B 209 15.89 7.53 26.12
CA PHE B 209 17.20 7.62 26.74
C PHE B 209 17.43 9.04 27.23
N ASN B 210 18.41 9.20 28.13
CA ASN B 210 18.83 10.51 28.63
C ASN B 210 20.17 10.81 28.01
N ARG B 211 20.29 11.98 27.37
CA ARG B 211 21.53 12.42 26.75
C ARG B 211 22.63 12.52 27.81
N GLY B 212 23.75 11.84 27.54
CA GLY B 212 24.91 11.80 28.41
C GLY B 212 25.00 10.59 29.34
N GLU B 213 23.85 9.91 29.59
CA GLU B 213 23.78 8.73 30.48
C GLU B 213 24.42 7.49 29.86
N GLU C 1 -39.67 1.26 -7.65
CA GLU C 1 -38.65 0.28 -7.26
C GLU C 1 -38.54 0.12 -5.75
N VAL C 2 -37.97 -1.02 -5.31
CA VAL C 2 -37.71 -1.31 -3.90
C VAL C 2 -36.82 -0.20 -3.29
N GLN C 3 -37.24 0.37 -2.15
CA GLN C 3 -36.45 1.38 -1.43
C GLN C 3 -36.38 1.01 0.04
N LEU C 4 -35.17 1.05 0.61
CA LEU C 4 -34.92 0.72 2.02
C LEU C 4 -34.13 1.87 2.62
N VAL C 5 -34.59 2.42 3.74
CA VAL C 5 -33.96 3.57 4.42
C VAL C 5 -33.88 3.34 5.93
N GLU C 6 -32.65 3.16 6.41
CA GLU C 6 -32.36 2.93 7.82
C GLU C 6 -32.22 4.26 8.54
N SER C 7 -32.61 4.28 9.81
CA SER C 7 -32.46 5.42 10.71
C SER C 7 -32.30 4.93 12.16
N GLY C 8 -31.91 5.86 13.04
CA GLY C 8 -31.70 5.57 14.45
C GLY C 8 -30.23 5.49 14.84
N GLY C 9 -29.34 5.56 13.85
CA GLY C 9 -27.90 5.51 14.11
C GLY C 9 -27.42 6.77 14.82
N GLY C 10 -26.23 6.67 15.41
CA GLY C 10 -25.58 7.73 16.16
C GLY C 10 -24.72 7.17 17.27
N LEU C 11 -24.44 8.01 18.30
CA LEU C 11 -23.60 7.64 19.43
C LEU C 11 -24.37 6.93 20.55
N VAL C 12 -23.79 5.85 21.08
CA VAL C 12 -24.35 5.08 22.20
C VAL C 12 -23.20 4.73 23.16
N GLN C 13 -23.43 4.90 24.47
CA GLN C 13 -22.45 4.59 25.49
C GLN C 13 -22.27 3.06 25.61
N PRO C 14 -21.06 2.52 25.91
CA PRO C 14 -20.91 1.06 26.06
C PRO C 14 -21.81 0.55 27.18
N GLY C 15 -22.48 -0.56 26.91
CA GLY C 15 -23.45 -1.17 27.81
C GLY C 15 -24.85 -0.69 27.48
N GLY C 16 -24.92 0.36 26.66
CA GLY C 16 -26.14 1.02 26.23
C GLY C 16 -26.99 0.29 25.22
N SER C 17 -28.19 0.85 24.96
CA SER C 17 -29.21 0.32 24.06
C SER C 17 -29.61 1.29 22.96
N LEU C 18 -30.08 0.76 21.84
CA LEU C 18 -30.49 1.58 20.69
C LEU C 18 -31.41 0.79 19.80
N ARG C 19 -32.42 1.45 19.24
CA ARG C 19 -33.31 0.79 18.29
C ARG C 19 -33.19 1.43 16.88
N LEU C 20 -32.89 0.59 15.89
CA LEU C 20 -32.80 1.02 14.50
C LEU C 20 -34.11 0.66 13.81
N SER C 21 -34.46 1.48 12.82
CA SER C 21 -35.67 1.32 12.00
C SER C 21 -35.27 1.34 10.52
N CYS C 22 -36.01 0.58 9.72
CA CYS C 22 -35.80 0.55 8.29
C CYS C 22 -37.15 0.74 7.62
N ALA C 23 -37.40 1.97 7.12
CA ALA C 23 -38.65 2.34 6.42
C ALA C 23 -38.50 1.85 4.99
N THR C 24 -39.55 1.25 4.46
CA THR C 24 -39.53 0.66 3.12
C THR C 24 -40.61 1.27 2.17
N SER C 25 -40.40 1.14 0.84
CA SER C 25 -41.39 1.53 -0.18
C SER C 25 -41.14 0.72 -1.43
N GLY C 26 -42.15 0.65 -2.27
CA GLY C 26 -42.08 -0.04 -3.56
C GLY C 26 -42.37 -1.52 -3.56
N PHE C 27 -42.85 -2.06 -2.43
CA PHE C 27 -43.19 -3.48 -2.34
C PHE C 27 -44.11 -3.79 -1.19
N ASP C 28 -44.84 -4.90 -1.32
CA ASP C 28 -45.69 -5.40 -0.26
C ASP C 28 -44.78 -6.06 0.79
N PHE C 29 -44.21 -5.24 1.68
CA PHE C 29 -43.35 -5.59 2.79
C PHE C 29 -43.82 -6.86 3.54
N SER C 30 -45.16 -7.01 3.76
CA SER C 30 -45.82 -8.13 4.46
C SER C 30 -45.54 -9.50 3.91
N ARG C 31 -45.12 -9.59 2.65
CA ARG C 31 -44.90 -10.87 2.00
C ARG C 31 -43.47 -11.35 1.97
N TYR C 32 -42.53 -10.53 2.47
CA TYR C 32 -41.10 -10.80 2.36
C TYR C 32 -40.39 -10.99 3.66
N TRP C 33 -39.34 -11.84 3.61
CA TRP C 33 -38.41 -11.97 4.72
C TRP C 33 -37.60 -10.67 4.65
N MET C 34 -37.10 -10.22 5.79
CA MET C 34 -36.21 -9.05 5.92
C MET C 34 -34.97 -9.49 6.76
N SER C 35 -33.80 -8.87 6.52
CA SER C 35 -32.55 -9.20 7.21
C SER C 35 -31.75 -7.95 7.54
N TRP C 36 -30.81 -8.11 8.47
CA TRP C 36 -29.93 -7.04 8.91
C TRP C 36 -28.56 -7.59 8.76
N VAL C 37 -27.67 -6.74 8.25
CA VAL C 37 -26.25 -7.04 8.03
C VAL C 37 -25.48 -5.86 8.58
N ARG C 38 -24.28 -6.11 9.11
CA ARG C 38 -23.44 -5.01 9.58
C ARG C 38 -22.03 -5.08 9.02
N GLN C 39 -21.34 -3.94 9.12
CA GLN C 39 -19.99 -3.78 8.62
C GLN C 39 -19.23 -2.77 9.49
N ALA C 40 -18.26 -3.27 10.25
CA ALA C 40 -17.38 -2.44 11.12
C ALA C 40 -16.44 -1.58 10.20
N PRO C 41 -16.01 -0.36 10.65
CA PRO C 41 -15.19 0.50 9.76
C PRO C 41 -13.97 -0.21 9.16
N GLY C 42 -13.92 -0.23 7.83
CA GLY C 42 -12.88 -0.88 7.04
C GLY C 42 -12.80 -2.39 7.18
N LYS C 43 -13.88 -3.06 7.64
CA LYS C 43 -13.94 -4.51 7.82
C LYS C 43 -14.97 -5.15 6.86
N GLY C 44 -15.18 -6.47 7.00
CA GLY C 44 -16.11 -7.25 6.19
C GLY C 44 -17.57 -7.15 6.61
N LEU C 45 -18.42 -7.92 5.91
CA LEU C 45 -19.88 -7.97 6.11
C LEU C 45 -20.23 -9.11 7.05
N VAL C 46 -21.09 -8.81 8.03
CA VAL C 46 -21.54 -9.75 9.05
C VAL C 46 -23.07 -9.83 9.05
N TRP C 47 -23.62 -11.00 8.74
CA TRP C 47 -25.06 -11.23 8.78
C TRP C 47 -25.52 -11.25 10.23
N ILE C 48 -26.51 -10.42 10.56
CA ILE C 48 -26.99 -10.34 11.94
C ILE C 48 -28.12 -11.34 12.17
N GLY C 49 -29.12 -11.29 11.30
CA GLY C 49 -30.29 -12.14 11.40
C GLY C 49 -31.37 -11.76 10.42
N GLU C 50 -32.47 -12.51 10.47
CA GLU C 50 -33.60 -12.38 9.57
C GLU C 50 -34.91 -12.62 10.32
N VAL C 51 -35.99 -12.11 9.74
CA VAL C 51 -37.37 -12.29 10.25
C VAL C 51 -38.28 -12.61 9.05
N ASN C 52 -39.11 -13.65 9.19
CA ASN C 52 -40.04 -14.05 8.14
C ASN C 52 -41.31 -13.14 8.12
N PRO C 53 -42.16 -13.19 7.07
CA PRO C 53 -43.34 -12.29 7.02
C PRO C 53 -44.21 -12.22 8.30
N ASP C 54 -44.49 -13.40 8.92
CA ASP C 54 -45.29 -13.68 10.12
C ASP C 54 -44.68 -13.32 11.46
N SER C 55 -43.33 -13.21 11.50
CA SER C 55 -42.50 -13.05 12.70
C SER C 55 -42.49 -14.36 13.52
N THR C 56 -42.84 -15.51 12.89
CA THR C 56 -42.82 -16.84 13.54
C THR C 56 -41.43 -17.50 13.49
N SER C 57 -40.55 -17.03 12.58
CA SER C 57 -39.17 -17.49 12.44
C SER C 57 -38.28 -16.27 12.47
N ILE C 58 -37.53 -16.11 13.56
CA ILE C 58 -36.55 -15.05 13.75
C ILE C 58 -35.21 -15.76 14.03
N ASN C 59 -34.28 -15.69 13.07
CA ASN C 59 -32.98 -16.37 13.19
C ASN C 59 -31.84 -15.39 13.31
N TYR C 60 -30.81 -15.75 14.10
CA TYR C 60 -29.65 -14.90 14.36
C TYR C 60 -28.31 -15.62 14.20
N THR C 61 -27.24 -14.82 14.06
CA THR C 61 -25.89 -15.35 14.14
C THR C 61 -25.73 -15.66 15.67
N PRO C 62 -25.31 -16.89 16.08
CA PRO C 62 -25.33 -17.21 17.53
C PRO C 62 -24.57 -16.24 18.44
N SER C 63 -23.45 -15.66 17.98
CA SER C 63 -22.70 -14.69 18.78
C SER C 63 -23.46 -13.34 19.06
N LEU C 64 -24.57 -13.06 18.33
CA LEU C 64 -25.30 -11.80 18.53
C LEU C 64 -26.72 -11.99 19.00
N LYS C 65 -27.19 -13.25 19.02
CA LYS C 65 -28.54 -13.68 19.41
C LYS C 65 -28.96 -13.18 20.80
N ASP C 66 -27.99 -13.07 21.72
CA ASP C 66 -28.25 -12.67 23.11
C ASP C 66 -28.46 -11.17 23.31
N GLN C 67 -27.87 -10.33 22.48
CA GLN C 67 -27.99 -8.87 22.63
C GLN C 67 -28.83 -8.13 21.54
N PHE C 68 -29.06 -8.75 20.36
CA PHE C 68 -29.87 -8.13 19.31
C PHE C 68 -31.26 -8.76 19.24
N THR C 69 -32.30 -7.94 18.97
CA THR C 69 -33.70 -8.38 18.80
C THR C 69 -34.31 -7.79 17.54
N ILE C 70 -34.68 -8.65 16.59
CA ILE C 70 -35.29 -8.26 15.31
C ILE C 70 -36.81 -8.37 15.42
N SER C 71 -37.51 -7.36 14.91
CA SER C 71 -38.97 -7.32 14.87
C SER C 71 -39.41 -6.49 13.65
N ARG C 72 -40.71 -6.58 13.29
CA ARG C 72 -41.26 -5.84 12.17
C ARG C 72 -42.70 -5.39 12.48
N ASP C 73 -43.14 -4.34 11.80
CA ASP C 73 -44.53 -3.86 11.88
C ASP C 73 -45.00 -3.86 10.45
N ASN C 74 -45.76 -4.91 10.04
CA ASN C 74 -46.21 -5.02 8.65
C ASN C 74 -47.14 -3.89 8.23
N ALA C 75 -47.98 -3.39 9.15
CA ALA C 75 -48.91 -2.27 8.84
C ALA C 75 -48.12 -0.98 8.50
N LYS C 76 -46.95 -0.76 9.14
CA LYS C 76 -46.10 0.42 8.92
C LYS C 76 -44.97 0.15 7.92
N ASN C 77 -44.93 -1.09 7.34
CA ASN C 77 -43.92 -1.52 6.35
C ASN C 77 -42.49 -1.21 6.83
N THR C 78 -42.25 -1.44 8.15
CA THR C 78 -41.02 -1.09 8.84
C THR C 78 -40.41 -2.29 9.57
N LEU C 79 -39.09 -2.42 9.45
CA LEU C 79 -38.23 -3.43 10.06
C LEU C 79 -37.45 -2.73 11.21
N TYR C 80 -37.27 -3.43 12.34
CA TYR C 80 -36.59 -2.92 13.53
C TYR C 80 -35.42 -3.79 13.95
N LEU C 81 -34.45 -3.17 14.63
CA LEU C 81 -33.33 -3.85 15.23
C LEU C 81 -33.12 -3.24 16.61
N GLN C 82 -33.49 -3.97 17.66
CA GLN C 82 -33.23 -3.58 19.03
C GLN C 82 -31.81 -4.07 19.39
N MET C 83 -30.93 -3.15 19.79
CA MET C 83 -29.55 -3.46 20.17
C MET C 83 -29.38 -3.22 21.67
N ASN C 84 -28.81 -4.20 22.40
CA ASN C 84 -28.60 -4.13 23.84
C ASN C 84 -27.15 -4.46 24.24
N SER C 85 -26.71 -4.06 25.48
CA SER C 85 -25.37 -4.33 26.03
C SER C 85 -24.29 -4.09 24.98
N LEU C 86 -24.37 -2.93 24.33
CA LEU C 86 -23.48 -2.59 23.24
C LEU C 86 -22.02 -2.47 23.66
N ARG C 87 -21.14 -3.02 22.84
CA ARG C 87 -19.70 -3.02 23.09
C ARG C 87 -19.04 -2.24 21.98
N ALA C 88 -17.79 -1.77 22.21
CA ALA C 88 -17.03 -1.07 21.17
C ALA C 88 -16.98 -1.91 19.89
N GLU C 89 -16.90 -3.26 20.00
CA GLU C 89 -16.86 -4.17 18.84
C GLU C 89 -18.17 -4.19 18.02
N ASP C 90 -19.26 -3.56 18.54
CA ASP C 90 -20.54 -3.41 17.82
C ASP C 90 -20.61 -2.12 16.97
N THR C 91 -19.55 -1.27 17.01
CA THR C 91 -19.46 -0.08 16.15
C THR C 91 -19.39 -0.57 14.71
N ALA C 92 -20.38 -0.18 13.89
CA ALA C 92 -20.54 -0.61 12.51
C ALA C 92 -21.62 0.22 11.78
N VAL C 93 -21.64 0.12 10.44
CA VAL C 93 -22.70 0.62 9.62
C VAL C 93 -23.67 -0.59 9.58
N TYR C 94 -24.94 -0.33 9.89
CA TYR C 94 -26.01 -1.33 9.92
C TYR C 94 -26.92 -1.17 8.71
N TYR C 95 -27.05 -2.24 7.92
CA TYR C 95 -27.85 -2.27 6.71
C TYR C 95 -29.10 -3.16 6.83
N CYS C 96 -30.25 -2.67 6.37
CA CYS C 96 -31.40 -3.57 6.25
C CYS C 96 -31.35 -4.03 4.79
N THR C 97 -31.78 -5.26 4.57
CA THR C 97 -31.78 -5.88 3.25
C THR C 97 -33.11 -6.59 3.05
N ARG C 98 -33.52 -6.77 1.78
CA ARG C 98 -34.76 -7.46 1.43
C ARG C 98 -34.48 -8.58 0.45
N PRO C 99 -34.32 -9.80 0.93
CA PRO C 99 -34.17 -10.93 -0.01
C PRO C 99 -35.49 -11.26 -0.72
N ASN C 100 -35.43 -11.48 -2.05
CA ASN C 100 -36.58 -11.88 -2.84
C ASN C 100 -36.73 -13.42 -2.62
N TYR C 101 -37.78 -14.03 -3.22
CA TYR C 101 -38.00 -15.48 -3.20
C TYR C 101 -37.24 -16.05 -4.39
N TYR C 102 -36.31 -16.98 -4.11
CA TYR C 102 -35.40 -17.58 -5.08
C TYR C 102 -35.86 -18.97 -5.58
N GLY C 103 -37.10 -19.35 -5.24
CA GLY C 103 -37.73 -20.59 -5.66
C GLY C 103 -37.13 -21.89 -5.15
N SER C 104 -36.43 -21.82 -4.01
CA SER C 104 -35.82 -22.98 -3.39
C SER C 104 -36.79 -23.67 -2.43
N ARG C 105 -36.69 -25.02 -2.35
CA ARG C 105 -37.44 -25.89 -1.44
C ARG C 105 -36.88 -25.68 -0.03
N TYR C 106 -35.59 -25.32 0.05
CA TYR C 106 -34.86 -25.08 1.29
C TYR C 106 -34.74 -23.59 1.59
N HIS C 107 -34.22 -23.25 2.78
CA HIS C 107 -34.08 -21.86 3.20
C HIS C 107 -32.88 -21.21 2.50
N TYR C 108 -33.10 -20.64 1.32
CA TYR C 108 -32.02 -19.99 0.58
C TYR C 108 -32.47 -18.69 -0.06
N TYR C 109 -31.60 -17.69 -0.03
CA TYR C 109 -31.84 -16.42 -0.72
C TYR C 109 -30.52 -15.68 -0.93
N ALA C 110 -30.58 -14.60 -1.71
CA ALA C 110 -29.51 -13.62 -1.92
C ALA C 110 -30.16 -12.29 -1.52
N MET C 111 -29.36 -11.35 -1.03
CA MET C 111 -29.87 -10.06 -0.60
C MET C 111 -29.84 -9.04 -1.79
N ASP C 112 -30.97 -9.00 -2.57
CA ASP C 112 -31.03 -8.23 -3.81
C ASP C 112 -31.22 -6.74 -3.62
N TYR C 113 -31.68 -6.30 -2.44
CA TYR C 113 -31.81 -4.87 -2.16
C TYR C 113 -31.26 -4.57 -0.80
N TRP C 114 -30.49 -3.50 -0.72
CA TRP C 114 -29.87 -3.07 0.53
C TRP C 114 -30.16 -1.60 0.70
N GLY C 115 -30.28 -1.17 1.96
CA GLY C 115 -30.42 0.24 2.27
C GLY C 115 -29.05 0.89 2.26
N GLN C 116 -28.98 2.22 2.45
CA GLN C 116 -27.67 2.87 2.44
C GLN C 116 -26.91 2.74 3.77
N GLY C 117 -27.59 2.22 4.79
CA GLY C 117 -27.01 1.96 6.09
C GLY C 117 -26.99 3.15 7.05
N THR C 118 -26.85 2.82 8.31
CA THR C 118 -26.79 3.78 9.40
C THR C 118 -25.62 3.44 10.32
N LEU C 119 -24.76 4.45 10.59
CA LEU C 119 -23.60 4.24 11.43
C LEU C 119 -23.94 4.33 12.93
N VAL C 120 -23.54 3.29 13.69
CA VAL C 120 -23.72 3.23 15.15
C VAL C 120 -22.32 3.27 15.73
N THR C 121 -22.04 4.28 16.58
CA THR C 121 -20.75 4.45 17.27
C THR C 121 -20.92 4.14 18.76
N VAL C 122 -20.20 3.11 19.25
CA VAL C 122 -20.25 2.71 20.65
C VAL C 122 -19.01 3.31 21.32
N SER C 123 -19.21 4.36 22.13
CA SER C 123 -18.12 5.10 22.75
C SER C 123 -18.59 5.81 24.00
N SER C 124 -17.67 5.99 24.94
CA SER C 124 -17.91 6.71 26.20
C SER C 124 -17.77 8.24 26.02
N ALA C 125 -17.27 8.67 24.86
CA ALA C 125 -17.05 10.09 24.54
C ALA C 125 -18.36 10.87 24.33
N SER C 126 -18.26 12.20 24.37
CA SER C 126 -19.39 13.09 24.23
C SER C 126 -19.54 13.61 22.81
N THR C 127 -20.78 13.90 22.42
CA THR C 127 -21.12 14.47 21.12
C THR C 127 -20.53 15.90 21.02
N LYS C 128 -19.92 16.22 19.87
CA LYS C 128 -19.39 17.55 19.60
C LYS C 128 -19.65 17.95 18.14
N GLY C 129 -20.20 19.15 17.98
CA GLY C 129 -20.50 19.72 16.68
C GLY C 129 -19.27 20.32 16.04
N PRO C 130 -19.14 20.27 14.71
CA PRO C 130 -17.93 20.80 14.06
C PRO C 130 -17.89 22.31 13.90
N SER C 131 -16.68 22.83 13.69
CA SER C 131 -16.44 24.23 13.32
C SER C 131 -16.15 24.11 11.82
N VAL C 132 -16.66 25.03 11.00
CA VAL C 132 -16.44 24.95 9.56
C VAL C 132 -15.66 26.16 9.10
N PHE C 133 -14.53 25.94 8.40
CA PHE C 133 -13.64 27.02 7.96
C PHE C 133 -13.43 27.00 6.45
N PRO C 134 -13.34 28.17 5.78
CA PRO C 134 -13.13 28.13 4.32
C PRO C 134 -11.68 27.82 3.96
N LEU C 135 -11.51 27.12 2.86
CA LEU C 135 -10.20 26.84 2.27
C LEU C 135 -10.26 27.74 1.01
N ALA C 136 -9.86 29.00 1.21
CA ALA C 136 -9.90 30.08 0.24
C ALA C 136 -9.05 29.84 -0.99
N PRO C 137 -9.62 30.02 -2.21
CA PRO C 137 -8.79 29.84 -3.41
C PRO C 137 -7.82 31.01 -3.55
N SER C 138 -6.67 30.78 -4.22
CA SER C 138 -5.64 31.81 -4.44
C SER C 138 -5.75 32.40 -5.86
N GLY C 145 -5.86 28.99 -14.94
CA GLY C 145 -6.51 27.77 -15.41
C GLY C 145 -7.51 27.17 -14.44
N THR C 146 -7.02 26.33 -13.52
CA THR C 146 -7.86 25.65 -12.51
C THR C 146 -7.54 26.10 -11.07
N ALA C 147 -8.58 26.47 -10.30
CA ALA C 147 -8.42 26.85 -8.90
C ALA C 147 -8.98 25.73 -8.02
N ALA C 148 -8.56 25.66 -6.78
CA ALA C 148 -9.10 24.70 -5.83
C ALA C 148 -9.57 25.49 -4.64
N LEU C 149 -10.71 25.08 -4.09
CA LEU C 149 -11.28 25.67 -2.89
C LEU C 149 -11.97 24.59 -2.06
N GLY C 150 -12.28 24.90 -0.82
CA GLY C 150 -12.95 23.91 0.00
C GLY C 150 -13.40 24.39 1.36
N CYS C 151 -13.73 23.41 2.22
CA CYS C 151 -14.18 23.63 3.58
C CYS C 151 -13.47 22.67 4.52
N LEU C 152 -12.99 23.20 5.64
CA LEU C 152 -12.33 22.43 6.69
C LEU C 152 -13.38 22.22 7.78
N VAL C 153 -13.78 20.97 7.99
CA VAL C 153 -14.79 20.59 8.98
C VAL C 153 -14.02 20.02 10.15
N LYS C 154 -13.77 20.87 11.16
CA LYS C 154 -12.93 20.49 12.29
C LYS C 154 -13.63 20.27 13.61
N ASP C 155 -13.09 19.31 14.39
CA ASP C 155 -13.40 19.00 15.79
C ASP C 155 -14.84 18.57 16.04
N TYR C 156 -15.21 17.40 15.52
CA TYR C 156 -16.55 16.87 15.76
C TYR C 156 -16.48 15.41 16.25
N PHE C 157 -17.57 14.94 16.87
CA PHE C 157 -17.72 13.56 17.35
C PHE C 157 -19.19 13.22 17.57
N PRO C 158 -19.67 12.03 17.15
CA PRO C 158 -18.97 10.99 16.38
C PRO C 158 -19.10 11.25 14.88
N GLU C 159 -18.67 10.29 14.07
CA GLU C 159 -18.90 10.30 12.65
C GLU C 159 -20.42 9.94 12.49
N PRO C 160 -21.09 10.32 11.39
CA PRO C 160 -20.55 11.00 10.18
C PRO C 160 -20.99 12.46 10.05
N VAL C 161 -20.33 13.16 9.12
CA VAL C 161 -20.75 14.49 8.67
C VAL C 161 -21.05 14.31 7.18
N THR C 162 -22.03 15.05 6.67
CA THR C 162 -22.27 15.00 5.23
C THR C 162 -21.90 16.37 4.72
N VAL C 163 -21.27 16.40 3.56
CA VAL C 163 -20.87 17.66 2.92
C VAL C 163 -21.41 17.66 1.50
N SER C 164 -22.05 18.78 1.13
CA SER C 164 -22.52 19.02 -0.22
C SER C 164 -22.07 20.42 -0.59
N TRP C 165 -22.10 20.71 -1.89
CA TRP C 165 -21.74 22.02 -2.39
C TRP C 165 -22.90 22.64 -3.12
N ASN C 166 -23.14 23.94 -2.86
CA ASN C 166 -24.22 24.74 -3.48
C ASN C 166 -25.55 23.97 -3.50
N SER C 167 -25.92 23.38 -2.34
CA SER C 167 -27.13 22.58 -2.11
C SER C 167 -27.28 21.37 -3.05
N GLY C 168 -26.16 20.79 -3.46
CA GLY C 168 -26.14 19.64 -4.35
C GLY C 168 -25.99 19.96 -5.82
N ALA C 169 -26.05 21.26 -6.21
CA ALA C 169 -25.89 21.68 -7.61
C ALA C 169 -24.47 21.46 -8.12
N LEU C 170 -23.44 21.60 -7.24
CA LEU C 170 -22.02 21.40 -7.58
C LEU C 170 -21.57 20.01 -7.11
N THR C 171 -21.29 19.12 -8.08
CA THR C 171 -20.91 17.71 -7.85
C THR C 171 -19.60 17.32 -8.56
N SER C 172 -19.36 17.79 -9.79
CA SER C 172 -18.11 17.43 -10.48
C SER C 172 -16.90 18.11 -9.81
N GLY C 173 -15.80 17.37 -9.71
CA GLY C 173 -14.55 17.83 -9.11
C GLY C 173 -14.55 17.90 -7.59
N VAL C 174 -15.65 17.47 -6.93
CA VAL C 174 -15.75 17.46 -5.47
C VAL C 174 -15.03 16.23 -4.90
N HIS C 175 -14.19 16.44 -3.87
CA HIS C 175 -13.56 15.38 -3.11
C HIS C 175 -13.81 15.64 -1.62
N THR C 176 -14.58 14.78 -0.97
CA THR C 176 -14.80 14.87 0.47
C THR C 176 -13.97 13.77 1.09
N PHE C 177 -12.90 14.18 1.77
CA PHE C 177 -11.93 13.27 2.34
C PHE C 177 -12.48 12.44 3.50
N PRO C 178 -12.01 11.17 3.63
CA PRO C 178 -12.38 10.36 4.81
C PRO C 178 -11.93 11.13 6.05
N ALA C 179 -12.73 11.10 7.12
CA ALA C 179 -12.33 11.82 8.34
C ALA C 179 -11.11 11.15 8.99
N VAL C 180 -10.29 11.94 9.71
CA VAL C 180 -9.14 11.40 10.45
C VAL C 180 -9.38 11.73 11.90
N LEU C 181 -9.12 10.77 12.79
CA LEU C 181 -9.25 10.96 14.21
C LEU C 181 -8.02 11.73 14.69
N GLN C 182 -8.22 12.90 15.30
CA GLN C 182 -7.12 13.73 15.81
C GLN C 182 -6.69 13.23 17.18
N SER C 183 -5.54 13.73 17.69
CA SER C 183 -5.01 13.34 19.02
C SER C 183 -5.98 13.68 20.18
N SER C 184 -6.87 14.68 19.95
CA SER C 184 -7.92 15.14 20.89
C SER C 184 -9.10 14.15 21.02
N GLY C 185 -9.16 13.15 20.13
CA GLY C 185 -10.25 12.19 20.11
C GLY C 185 -11.45 12.68 19.33
N LEU C 186 -11.28 13.81 18.62
CA LEU C 186 -12.26 14.47 17.75
C LEU C 186 -11.86 14.28 16.28
N TYR C 187 -12.85 14.13 15.39
CA TYR C 187 -12.63 13.98 13.97
C TYR C 187 -12.42 15.30 13.26
N SER C 188 -11.83 15.24 12.08
CA SER C 188 -11.62 16.39 11.23
C SER C 188 -11.59 15.88 9.80
N LEU C 189 -12.14 16.69 8.88
CA LEU C 189 -12.08 16.37 7.47
C LEU C 189 -12.09 17.63 6.65
N SER C 190 -11.75 17.47 5.38
CA SER C 190 -11.79 18.56 4.40
C SER C 190 -12.61 18.09 3.21
N SER C 191 -13.33 19.03 2.58
CA SER C 191 -14.03 18.77 1.33
C SER C 191 -13.51 19.84 0.36
N VAL C 192 -13.06 19.43 -0.79
CA VAL C 192 -12.49 20.34 -1.77
C VAL C 192 -13.17 20.18 -3.11
N VAL C 193 -13.02 21.18 -3.97
CA VAL C 193 -13.55 21.19 -5.33
C VAL C 193 -12.61 22.01 -6.20
N THR C 194 -12.37 21.54 -7.42
CA THR C 194 -11.58 22.23 -8.42
C THR C 194 -12.55 22.88 -9.41
N VAL C 195 -12.36 24.17 -9.64
CA VAL C 195 -13.22 24.98 -10.52
C VAL C 195 -12.35 25.85 -11.47
N PRO C 196 -12.91 26.40 -12.58
CA PRO C 196 -12.09 27.26 -13.44
C PRO C 196 -11.75 28.55 -12.68
N SER C 197 -10.51 29.03 -12.82
CA SER C 197 -10.04 30.25 -12.16
C SER C 197 -10.86 31.50 -12.53
N SER C 198 -11.46 31.50 -13.74
CA SER C 198 -12.30 32.59 -14.25
C SER C 198 -13.67 32.67 -13.54
N SER C 199 -14.07 31.60 -12.81
CA SER C 199 -15.33 31.57 -12.08
C SER C 199 -15.24 32.11 -10.64
N LEU C 200 -14.02 32.40 -10.14
CA LEU C 200 -13.78 32.88 -8.76
C LEU C 200 -14.45 34.22 -8.41
N GLY C 201 -14.37 35.21 -9.29
CA GLY C 201 -14.98 36.51 -9.03
C GLY C 201 -16.42 36.66 -9.48
N THR C 202 -17.09 35.53 -9.84
CA THR C 202 -18.46 35.54 -10.37
C THR C 202 -19.34 34.42 -9.79
N GLN C 203 -18.82 33.20 -9.61
CA GLN C 203 -19.63 32.09 -9.10
C GLN C 203 -19.59 31.99 -7.57
N THR C 204 -20.74 31.78 -6.93
CA THR C 204 -20.81 31.64 -5.47
C THR C 204 -20.53 30.20 -5.08
N TYR C 205 -19.65 30.02 -4.08
CA TYR C 205 -19.29 28.69 -3.60
C TYR C 205 -19.61 28.57 -2.11
N ILE C 206 -20.54 27.68 -1.79
CA ILE C 206 -21.03 27.44 -0.42
C ILE C 206 -21.03 25.94 -0.12
N CYS C 207 -20.38 25.54 0.97
CA CYS C 207 -20.38 24.14 1.38
C CYS C 207 -21.44 23.98 2.45
N ASN C 208 -22.25 22.95 2.31
CA ASN C 208 -23.34 22.64 3.23
C ASN C 208 -22.88 21.49 4.12
N VAL C 209 -22.65 21.78 5.39
CA VAL C 209 -22.16 20.80 6.37
C VAL C 209 -23.27 20.40 7.33
N ASN C 210 -23.54 19.09 7.44
CA ASN C 210 -24.54 18.55 8.35
C ASN C 210 -23.94 17.49 9.29
N HIS C 211 -24.11 17.68 10.60
CA HIS C 211 -23.71 16.74 11.64
C HIS C 211 -24.94 16.44 12.50
N LYS C 212 -25.72 15.43 12.05
CA LYS C 212 -26.95 14.97 12.72
C LYS C 212 -26.76 14.69 14.23
N PRO C 213 -25.69 13.98 14.70
CA PRO C 213 -25.54 13.72 16.15
C PRO C 213 -25.63 14.92 17.07
N SER C 214 -25.14 16.10 16.63
CA SER C 214 -25.17 17.33 17.41
C SER C 214 -26.24 18.31 16.89
N ASN C 215 -27.00 17.90 15.85
CA ASN C 215 -28.03 18.70 15.19
C ASN C 215 -27.44 20.06 14.70
N THR C 216 -26.25 19.98 14.08
CA THR C 216 -25.50 21.10 13.54
C THR C 216 -25.65 21.15 12.01
N LYS C 217 -25.98 22.34 11.50
CA LYS C 217 -26.13 22.62 10.07
C LYS C 217 -25.39 23.92 9.81
N VAL C 218 -24.37 23.87 8.95
CA VAL C 218 -23.55 25.03 8.63
C VAL C 218 -23.47 25.19 7.11
N ASP C 219 -23.71 26.41 6.62
CA ASP C 219 -23.57 26.76 5.21
C ASP C 219 -22.48 27.80 5.17
N LYS C 220 -21.28 27.41 4.65
CA LYS C 220 -20.12 28.30 4.62
C LYS C 220 -19.78 28.78 3.21
N ARG C 221 -19.77 30.11 3.04
CA ARG C 221 -19.43 30.76 1.79
C ARG C 221 -17.90 30.80 1.69
N VAL C 222 -17.36 30.29 0.58
CA VAL C 222 -15.91 30.23 0.35
C VAL C 222 -15.58 31.28 -0.71
N GLU C 223 -14.93 32.38 -0.29
CA GLU C 223 -14.56 33.50 -1.16
C GLU C 223 -13.03 33.71 -1.24
N PRO C 224 -12.49 34.22 -2.38
CA PRO C 224 -11.03 34.49 -2.44
C PRO C 224 -10.64 35.74 -1.66
N ASP D 1 -21.03 -22.41 11.97
CA ASP D 1 -20.83 -21.27 11.08
C ASP D 1 -19.81 -21.66 10.01
N ILE D 2 -20.28 -21.82 8.76
CA ILE D 2 -19.46 -22.15 7.61
C ILE D 2 -18.48 -20.98 7.37
N GLN D 3 -17.19 -21.27 7.32
CA GLN D 3 -16.17 -20.26 7.07
C GLN D 3 -15.94 -20.14 5.56
N MET D 4 -16.08 -18.93 5.03
CA MET D 4 -15.90 -18.56 3.62
C MET D 4 -14.54 -17.84 3.48
N THR D 5 -13.67 -18.34 2.64
CA THR D 5 -12.33 -17.75 2.45
C THR D 5 -12.17 -17.32 1.00
N GLN D 6 -11.81 -16.06 0.76
CA GLN D 6 -11.59 -15.54 -0.58
C GLN D 6 -10.12 -15.34 -0.86
N SER D 7 -9.75 -15.50 -2.11
CA SER D 7 -8.39 -15.25 -2.56
C SER D 7 -8.37 -14.74 -4.01
N PRO D 8 -7.52 -13.73 -4.34
CA PRO D 8 -6.65 -12.94 -3.44
C PRO D 8 -7.47 -12.08 -2.48
N SER D 9 -6.86 -11.52 -1.44
CA SER D 9 -7.62 -10.61 -0.55
C SER D 9 -7.61 -9.18 -1.18
N SER D 10 -6.61 -8.90 -2.04
CA SER D 10 -6.47 -7.59 -2.73
C SER D 10 -5.80 -7.86 -4.07
N LEU D 11 -6.10 -7.01 -5.06
CA LEU D 11 -5.42 -7.07 -6.36
C LEU D 11 -5.53 -5.77 -7.17
N SER D 12 -4.54 -5.55 -8.03
CA SER D 12 -4.50 -4.43 -8.98
C SER D 12 -4.41 -5.06 -10.34
N ALA D 13 -5.26 -4.60 -11.22
CA ALA D 13 -5.34 -5.09 -12.59
C ALA D 13 -5.68 -3.91 -13.52
N SER D 14 -5.39 -4.05 -14.80
CA SER D 14 -5.60 -2.99 -15.81
C SER D 14 -6.92 -3.15 -16.53
N VAL D 15 -7.47 -2.03 -17.02
CA VAL D 15 -8.70 -2.02 -17.81
C VAL D 15 -8.52 -2.97 -19.00
N GLY D 16 -9.50 -3.84 -19.23
CA GLY D 16 -9.46 -4.82 -20.32
C GLY D 16 -8.99 -6.19 -19.88
N ASP D 17 -8.38 -6.29 -18.68
CA ASP D 17 -7.89 -7.56 -18.13
C ASP D 17 -9.06 -8.47 -17.73
N ARG D 18 -8.86 -9.78 -17.87
CA ARG D 18 -9.76 -10.79 -17.35
C ARG D 18 -9.29 -10.98 -15.88
N VAL D 19 -10.21 -10.87 -14.92
CA VAL D 19 -9.90 -10.96 -13.48
C VAL D 19 -10.69 -12.11 -12.88
N THR D 20 -10.00 -12.99 -12.16
CA THR D 20 -10.60 -14.14 -11.48
C THR D 20 -10.32 -14.08 -9.95
N ILE D 21 -11.39 -14.18 -9.15
CA ILE D 21 -11.38 -14.21 -7.69
C ILE D 21 -11.96 -15.59 -7.29
N THR D 22 -11.39 -16.19 -6.26
CA THR D 22 -11.84 -17.49 -5.78
C THR D 22 -12.44 -17.36 -4.42
N CYS D 23 -13.32 -18.32 -4.10
CA CYS D 23 -13.99 -18.41 -2.81
C CYS D 23 -14.02 -19.89 -2.44
N ARG D 24 -13.62 -20.19 -1.20
CA ARG D 24 -13.60 -21.53 -0.64
C ARG D 24 -14.50 -21.65 0.55
N ALA D 25 -15.38 -22.66 0.57
CA ALA D 25 -16.28 -22.85 1.72
C ALA D 25 -15.67 -23.96 2.59
N SER D 26 -15.75 -23.85 3.94
CA SER D 26 -15.19 -24.85 4.87
C SER D 26 -15.90 -26.22 4.77
N GLN D 27 -17.08 -26.23 4.14
CA GLN D 27 -17.85 -27.45 3.90
C GLN D 27 -18.66 -27.28 2.64
N ASP D 28 -19.14 -28.41 2.08
CA ASP D 28 -19.93 -28.40 0.87
C ASP D 28 -21.23 -27.57 1.02
N ILE D 29 -21.40 -26.56 0.14
CA ILE D 29 -22.57 -25.68 0.14
C ILE D 29 -23.39 -25.81 -1.16
N ASN D 30 -23.15 -26.89 -1.93
CA ASN D 30 -23.82 -27.16 -3.22
C ASN D 30 -23.67 -25.95 -4.17
N ASN D 31 -24.78 -25.27 -4.50
CA ASN D 31 -24.75 -24.08 -5.35
C ASN D 31 -25.28 -22.84 -4.63
N TYR D 32 -25.39 -22.88 -3.27
CA TYR D 32 -25.96 -21.79 -2.46
C TYR D 32 -24.92 -20.72 -2.18
N LEU D 33 -24.46 -20.07 -3.24
CA LEU D 33 -23.36 -19.12 -3.18
C LEU D 33 -23.64 -17.85 -4.01
N ASN D 34 -23.54 -16.69 -3.33
CA ASN D 34 -23.80 -15.38 -3.92
C ASN D 34 -22.54 -14.52 -3.96
N TRP D 35 -22.51 -13.54 -4.87
CA TRP D 35 -21.42 -12.57 -4.99
C TRP D 35 -22.00 -11.19 -4.99
N TYR D 36 -21.41 -10.30 -4.19
CA TYR D 36 -21.78 -8.90 -4.00
C TYR D 36 -20.59 -8.00 -4.35
N GLN D 37 -20.93 -6.82 -4.85
CA GLN D 37 -19.96 -5.78 -5.18
C GLN D 37 -20.26 -4.58 -4.27
N GLN D 38 -19.25 -4.13 -3.58
CA GLN D 38 -19.38 -2.94 -2.75
C GLN D 38 -18.42 -1.85 -3.24
N LYS D 39 -19.01 -0.84 -3.90
CA LYS D 39 -18.26 0.31 -4.44
C LYS D 39 -17.91 1.26 -3.29
N PRO D 40 -16.84 2.08 -3.40
CA PRO D 40 -16.50 2.97 -2.26
C PRO D 40 -17.64 3.89 -1.83
N GLY D 41 -17.92 3.90 -0.51
CA GLY D 41 -18.96 4.73 0.11
C GLY D 41 -20.39 4.32 -0.18
N LYS D 42 -20.55 3.16 -0.84
CA LYS D 42 -21.85 2.62 -1.21
C LYS D 42 -22.17 1.35 -0.47
N ALA D 43 -23.46 0.98 -0.43
CA ALA D 43 -23.93 -0.24 0.17
C ALA D 43 -23.60 -1.37 -0.83
N PRO D 44 -23.41 -2.63 -0.36
CA PRO D 44 -23.20 -3.75 -1.30
C PRO D 44 -24.36 -3.92 -2.27
N LYS D 45 -24.05 -4.39 -3.48
CA LYS D 45 -25.02 -4.69 -4.55
C LYS D 45 -24.86 -6.15 -4.95
N LEU D 46 -25.99 -6.85 -5.14
CA LEU D 46 -25.97 -8.23 -5.58
C LEU D 46 -25.55 -8.31 -7.06
N LEU D 47 -24.60 -9.22 -7.35
CA LEU D 47 -24.19 -9.47 -8.73
C LEU D 47 -24.62 -10.85 -9.23
N ILE D 48 -24.32 -11.88 -8.44
CA ILE D 48 -24.55 -13.29 -8.82
C ILE D 48 -25.23 -14.03 -7.69
N TYR D 49 -26.16 -14.93 -8.04
CA TYR D 49 -26.81 -15.83 -7.08
C TYR D 49 -26.80 -17.23 -7.66
N TYR D 50 -27.04 -18.24 -6.82
CA TYR D 50 -27.04 -19.65 -7.25
C TYR D 50 -25.74 -20.00 -8.01
N THR D 51 -24.59 -19.45 -7.54
CA THR D 51 -23.23 -19.64 -8.12
C THR D 51 -22.98 -18.89 -9.45
N SER D 52 -23.87 -19.05 -10.45
CA SER D 52 -23.69 -18.55 -11.83
C SER D 52 -24.78 -17.66 -12.40
N ARG D 53 -25.86 -17.39 -11.65
CA ARG D 53 -26.98 -16.60 -12.20
C ARG D 53 -26.80 -15.10 -12.00
N LEU D 54 -26.81 -14.32 -13.09
CA LEU D 54 -26.68 -12.87 -13.00
C LEU D 54 -27.98 -12.25 -12.53
N HIS D 55 -27.91 -11.34 -11.57
CA HIS D 55 -29.03 -10.56 -11.06
C HIS D 55 -29.43 -9.52 -12.13
N SER D 56 -30.71 -9.05 -12.09
CA SER D 56 -31.27 -8.06 -13.02
C SER D 56 -30.36 -6.82 -13.12
N GLY D 57 -30.06 -6.44 -14.38
CA GLY D 57 -29.26 -5.27 -14.73
C GLY D 57 -27.76 -5.41 -14.61
N VAL D 58 -27.27 -6.61 -14.25
CA VAL D 58 -25.83 -6.86 -14.07
C VAL D 58 -25.12 -7.04 -15.43
N PRO D 59 -24.02 -6.31 -15.74
CA PRO D 59 -23.35 -6.50 -17.05
C PRO D 59 -22.84 -7.92 -17.28
N SER D 60 -22.90 -8.36 -18.55
CA SER D 60 -22.50 -9.68 -19.03
C SER D 60 -21.03 -9.99 -18.84
N ARG D 61 -20.20 -8.96 -18.52
CA ARG D 61 -18.77 -9.14 -18.26
C ARG D 61 -18.53 -9.92 -16.94
N PHE D 62 -19.56 -9.94 -16.07
CA PHE D 62 -19.55 -10.64 -14.80
C PHE D 62 -20.08 -12.06 -14.93
N SER D 63 -19.34 -13.04 -14.38
CA SER D 63 -19.78 -14.44 -14.37
C SER D 63 -19.30 -15.20 -13.12
N GLY D 64 -19.94 -16.32 -12.81
CA GLY D 64 -19.58 -17.14 -11.66
C GLY D 64 -19.58 -18.61 -11.99
N SER D 65 -18.73 -19.40 -11.33
CA SER D 65 -18.69 -20.85 -11.52
C SER D 65 -18.28 -21.56 -10.26
N GLY D 66 -18.38 -22.89 -10.28
CA GLY D 66 -17.99 -23.74 -9.17
C GLY D 66 -19.13 -24.51 -8.56
N SER D 67 -18.83 -25.26 -7.50
CA SER D 67 -19.79 -26.11 -6.80
C SER D 67 -19.13 -26.69 -5.58
N GLY D 68 -19.95 -27.02 -4.58
CA GLY D 68 -19.50 -27.68 -3.38
C GLY D 68 -18.68 -26.78 -2.48
N THR D 69 -17.35 -26.85 -2.62
CA THR D 69 -16.48 -26.05 -1.75
C THR D 69 -15.72 -24.98 -2.49
N ASP D 70 -15.52 -25.10 -3.82
CA ASP D 70 -14.67 -24.15 -4.56
C ASP D 70 -15.43 -23.38 -5.63
N PHE D 71 -15.33 -22.05 -5.55
CA PHE D 71 -16.06 -21.13 -6.43
C PHE D 71 -15.18 -20.09 -7.03
N THR D 72 -15.62 -19.51 -8.15
CA THR D 72 -14.88 -18.51 -8.89
C THR D 72 -15.82 -17.43 -9.38
N PHE D 73 -15.39 -16.18 -9.28
CA PHE D 73 -16.06 -14.99 -9.79
C PHE D 73 -15.10 -14.40 -10.85
N THR D 74 -15.62 -14.13 -12.06
CA THR D 74 -14.81 -13.64 -13.18
C THR D 74 -15.35 -12.36 -13.79
N ILE D 75 -14.45 -11.40 -14.01
CA ILE D 75 -14.74 -10.18 -14.77
C ILE D 75 -13.99 -10.39 -16.09
N SER D 76 -14.73 -10.70 -17.17
CA SER D 76 -14.14 -11.00 -18.48
C SER D 76 -13.24 -9.86 -19.03
N SER D 77 -13.62 -8.59 -18.79
CA SER D 77 -12.91 -7.39 -19.24
C SER D 77 -13.12 -6.26 -18.23
N LEU D 78 -12.10 -6.01 -17.41
CA LEU D 78 -12.14 -5.02 -16.32
C LEU D 78 -12.41 -3.60 -16.81
N GLN D 79 -13.31 -2.87 -16.12
CA GLN D 79 -13.70 -1.49 -16.44
C GLN D 79 -13.40 -0.57 -15.26
N PRO D 80 -13.15 0.74 -15.47
CA PRO D 80 -12.86 1.63 -14.31
C PRO D 80 -13.93 1.62 -13.21
N GLU D 81 -15.21 1.43 -13.59
CA GLU D 81 -16.34 1.41 -12.65
C GLU D 81 -16.37 0.10 -11.81
N ASP D 82 -15.51 -0.88 -12.15
CA ASP D 82 -15.45 -2.15 -11.38
C ASP D 82 -14.62 -2.04 -10.08
N ILE D 83 -14.04 -0.85 -9.79
CA ILE D 83 -13.29 -0.64 -8.57
C ILE D 83 -14.26 -0.84 -7.40
N ALA D 84 -13.96 -1.80 -6.53
CA ALA D 84 -14.85 -2.19 -5.44
C ALA D 84 -14.24 -3.32 -4.62
N THR D 85 -14.89 -3.66 -3.50
CA THR D 85 -14.54 -4.85 -2.71
C THR D 85 -15.65 -5.85 -3.06
N TYR D 86 -15.26 -7.05 -3.44
CA TYR D 86 -16.19 -8.10 -3.87
C TYR D 86 -16.29 -9.14 -2.75
N TYR D 87 -17.50 -9.57 -2.38
CA TYR D 87 -17.71 -10.57 -1.32
C TYR D 87 -18.47 -11.77 -1.82
N CYS D 88 -18.05 -12.99 -1.41
CA CYS D 88 -18.86 -14.18 -1.68
C CYS D 88 -19.67 -14.39 -0.38
N GLN D 89 -20.77 -15.15 -0.46
CA GLN D 89 -21.65 -15.36 0.68
C GLN D 89 -22.35 -16.67 0.51
N GLN D 90 -22.32 -17.53 1.54
CA GLN D 90 -22.98 -18.83 1.51
C GLN D 90 -24.38 -18.70 2.04
N GLY D 91 -25.31 -19.32 1.35
CA GLY D 91 -26.71 -19.31 1.75
C GLY D 91 -27.23 -20.73 1.96
N SER D 92 -26.34 -21.63 2.42
CA SER D 92 -26.65 -23.04 2.66
C SER D 92 -27.16 -23.30 4.10
N THR D 93 -26.43 -22.84 5.14
CA THR D 93 -26.82 -23.07 6.54
C THR D 93 -26.77 -21.77 7.31
N LEU D 94 -27.63 -21.67 8.33
CA LEU D 94 -27.64 -20.54 9.23
C LEU D 94 -26.50 -20.67 10.27
N PRO D 95 -25.79 -19.58 10.62
CA PRO D 95 -25.92 -18.21 10.07
C PRO D 95 -25.34 -18.13 8.66
N PHE D 96 -25.91 -17.25 7.83
CA PHE D 96 -25.34 -17.01 6.52
C PHE D 96 -24.04 -16.27 6.74
N THR D 97 -23.02 -16.61 6.00
CA THR D 97 -21.69 -16.02 6.24
C THR D 97 -21.14 -15.52 4.96
N PHE D 98 -20.32 -14.46 5.08
CA PHE D 98 -19.63 -13.82 3.98
C PHE D 98 -18.13 -14.14 4.02
N GLY D 99 -17.51 -14.04 2.84
CA GLY D 99 -16.06 -14.13 2.71
C GLY D 99 -15.52 -12.82 3.27
N GLN D 100 -14.19 -12.72 3.46
CA GLN D 100 -13.59 -11.53 4.06
C GLN D 100 -13.46 -10.34 3.06
N GLY D 101 -13.73 -10.60 1.79
CA GLY D 101 -13.73 -9.61 0.73
C GLY D 101 -12.44 -9.58 -0.06
N THR D 102 -12.57 -9.16 -1.34
CA THR D 102 -11.43 -8.99 -2.27
C THR D 102 -11.47 -7.56 -2.80
N LYS D 103 -10.49 -6.73 -2.38
CA LYS D 103 -10.40 -5.34 -2.78
C LYS D 103 -9.75 -5.25 -4.16
N LEU D 104 -10.51 -4.79 -5.15
CA LEU D 104 -10.04 -4.66 -6.51
C LEU D 104 -9.71 -3.23 -6.86
N GLU D 105 -8.42 -2.99 -7.20
CA GLU D 105 -7.92 -1.66 -7.59
C GLU D 105 -7.54 -1.66 -9.07
N ILE D 106 -7.68 -0.51 -9.75
CA ILE D 106 -7.36 -0.41 -11.17
C ILE D 106 -5.95 0.18 -11.34
N LYS D 107 -5.11 -0.51 -12.13
CA LYS D 107 -3.79 0.01 -12.45
C LYS D 107 -3.93 0.81 -13.75
N ARG D 108 -3.66 2.12 -13.69
CA ARG D 108 -3.73 3.02 -14.86
C ARG D 108 -2.38 3.70 -15.13
N THR D 109 -2.29 4.54 -16.17
CA THR D 109 -1.05 5.30 -16.46
C THR D 109 -0.79 6.25 -15.29
N VAL D 110 0.50 6.54 -15.07
CA VAL D 110 0.96 7.47 -14.05
C VAL D 110 0.40 8.87 -14.32
N ALA D 111 -0.18 9.49 -13.29
CA ALA D 111 -0.71 10.85 -13.37
C ALA D 111 -0.17 11.59 -12.17
N ALA D 112 0.53 12.69 -12.43
CA ALA D 112 1.12 13.53 -11.39
C ALA D 112 0.04 14.31 -10.61
N PRO D 113 0.19 14.56 -9.29
CA PRO D 113 -0.84 15.39 -8.64
C PRO D 113 -0.72 16.86 -8.99
N SER D 114 -1.88 17.53 -9.03
CA SER D 114 -1.94 18.98 -9.11
C SER D 114 -1.88 19.35 -7.59
N VAL D 115 -0.99 20.25 -7.22
CA VAL D 115 -0.76 20.61 -5.82
C VAL D 115 -1.31 21.98 -5.50
N PHE D 116 -1.99 22.11 -4.36
CA PHE D 116 -2.57 23.37 -3.92
C PHE D 116 -2.29 23.51 -2.44
N ILE D 117 -1.99 24.73 -1.98
CA ILE D 117 -1.74 24.98 -0.55
C ILE D 117 -2.79 25.98 -0.04
N PHE D 118 -3.30 25.76 1.18
CA PHE D 118 -4.28 26.63 1.79
C PHE D 118 -3.82 27.14 3.15
N PRO D 119 -3.75 28.48 3.32
CA PRO D 119 -3.39 29.03 4.64
C PRO D 119 -4.58 28.91 5.60
N PRO D 120 -4.38 29.00 6.93
CA PRO D 120 -5.54 28.97 7.84
C PRO D 120 -6.42 30.21 7.63
N SER D 121 -7.73 30.08 7.92
CA SER D 121 -8.67 31.20 7.80
C SER D 121 -8.44 32.14 9.00
N ASP D 122 -8.80 33.42 8.87
CA ASP D 122 -8.70 34.39 9.97
C ASP D 122 -9.62 33.95 11.12
N GLU D 123 -10.79 33.36 10.76
CA GLU D 123 -11.80 32.82 11.67
C GLU D 123 -11.21 31.75 12.63
N GLN D 124 -10.46 30.78 12.09
CA GLN D 124 -9.82 29.74 12.91
C GLN D 124 -8.69 30.32 13.80
N LEU D 125 -7.98 31.36 13.31
CA LEU D 125 -6.91 31.99 14.10
C LEU D 125 -7.46 32.64 15.39
N LYS D 126 -8.71 33.14 15.35
CA LYS D 126 -9.45 33.74 16.48
C LYS D 126 -9.68 32.70 17.60
N SER D 127 -9.76 31.40 17.20
CA SER D 127 -9.97 30.27 18.11
C SER D 127 -8.66 29.78 18.77
N GLY D 128 -7.51 30.28 18.30
CA GLY D 128 -6.20 29.94 18.84
C GLY D 128 -5.48 28.76 18.21
N THR D 129 -5.92 28.33 17.00
CA THR D 129 -5.31 27.21 16.27
C THR D 129 -5.12 27.58 14.78
N ALA D 130 -4.14 26.93 14.13
CA ALA D 130 -3.88 27.13 12.71
C ALA D 130 -3.73 25.79 12.02
N SER D 131 -4.59 25.53 11.03
CA SER D 131 -4.52 24.34 10.19
C SER D 131 -4.07 24.84 8.80
N VAL D 132 -2.99 24.27 8.29
CA VAL D 132 -2.46 24.56 6.96
C VAL D 132 -2.75 23.29 6.17
N VAL D 133 -3.40 23.44 5.01
CA VAL D 133 -3.81 22.27 4.22
C VAL D 133 -3.08 22.21 2.87
N CYS D 134 -2.49 21.05 2.56
CA CYS D 134 -1.87 20.79 1.27
C CYS D 134 -2.73 19.76 0.56
N LEU D 135 -3.14 20.06 -0.69
CA LEU D 135 -3.97 19.14 -1.49
C LEU D 135 -3.19 18.58 -2.69
N LEU D 136 -3.25 17.25 -2.87
CA LEU D 136 -2.64 16.56 -4.01
C LEU D 136 -3.84 16.01 -4.73
N ASN D 137 -4.17 16.62 -5.87
CA ASN D 137 -5.40 16.26 -6.58
C ASN D 137 -5.21 15.34 -7.78
N ASN D 138 -6.07 14.28 -7.89
CA ASN D 138 -6.16 13.34 -9.03
C ASN D 138 -4.81 12.78 -9.55
N PHE D 139 -4.17 11.94 -8.74
CA PHE D 139 -2.88 11.33 -9.07
C PHE D 139 -2.97 9.78 -9.03
N TYR D 140 -1.97 9.12 -9.62
CA TYR D 140 -1.81 7.68 -9.67
C TYR D 140 -0.32 7.42 -9.91
N PRO D 141 0.33 6.47 -9.22
CA PRO D 141 -0.19 5.58 -8.15
C PRO D 141 -0.44 6.26 -6.81
N ARG D 142 -1.06 5.54 -5.87
CA ARG D 142 -1.38 6.03 -4.53
C ARG D 142 -0.16 6.61 -3.77
N GLU D 143 1.05 5.99 -3.94
CA GLU D 143 2.27 6.41 -3.26
C GLU D 143 2.64 7.84 -3.65
N ALA D 144 2.85 8.67 -2.63
CA ALA D 144 3.21 10.07 -2.75
C ALA D 144 3.84 10.47 -1.43
N LYS D 145 4.78 11.37 -1.48
CA LYS D 145 5.44 11.84 -0.27
C LYS D 145 5.19 13.34 -0.14
N VAL D 146 4.61 13.74 0.98
CA VAL D 146 4.32 15.15 1.28
C VAL D 146 5.21 15.57 2.44
N GLN D 147 6.04 16.56 2.20
CA GLN D 147 6.96 17.08 3.20
C GLN D 147 6.67 18.55 3.51
N TRP D 148 6.31 18.86 4.76
CA TRP D 148 6.08 20.24 5.15
C TRP D 148 7.43 20.90 5.48
N LYS D 149 7.58 22.18 5.11
CA LYS D 149 8.77 23.00 5.36
C LYS D 149 8.25 24.31 5.90
N VAL D 150 8.72 24.69 7.10
CA VAL D 150 8.33 25.92 7.77
C VAL D 150 9.65 26.71 7.88
N ASP D 151 9.78 27.77 7.04
CA ASP D 151 11.00 28.58 6.86
C ASP D 151 12.19 27.67 6.46
N ASN D 152 11.94 26.79 5.45
CA ASN D 152 12.85 25.79 4.86
C ASN D 152 13.29 24.66 5.84
N ALA D 153 12.72 24.63 7.06
CA ALA D 153 13.02 23.60 8.04
C ALA D 153 11.98 22.50 7.95
N LEU D 154 12.41 21.27 7.65
CA LEU D 154 11.52 20.10 7.53
C LEU D 154 10.80 19.81 8.84
N GLN D 155 9.50 19.51 8.77
CA GLN D 155 8.65 19.17 9.92
C GLN D 155 8.30 17.69 9.89
N SER D 156 7.89 17.15 11.05
CA SER D 156 7.42 15.77 11.21
CA SER D 156 7.45 15.77 11.23
C SER D 156 6.58 15.66 12.47
N GLY D 157 5.63 14.73 12.46
CA GLY D 157 4.75 14.47 13.60
C GLY D 157 3.50 15.32 13.77
N ASN D 158 3.53 16.60 13.32
CA ASN D 158 2.41 17.54 13.47
C ASN D 158 1.46 17.65 12.26
N SER D 159 1.46 16.65 11.38
CA SER D 159 0.55 16.66 10.23
C SER D 159 -0.18 15.35 10.09
N GLN D 160 -1.39 15.40 9.53
CA GLN D 160 -2.14 14.17 9.29
C GLN D 160 -2.54 14.14 7.87
N GLU D 161 -2.59 12.93 7.31
CA GLU D 161 -2.96 12.72 5.91
C GLU D 161 -4.27 11.97 5.79
N SER D 162 -5.02 12.23 4.71
CA SER D 162 -6.25 11.53 4.37
C SER D 162 -6.22 11.33 2.86
N VAL D 163 -6.57 10.14 2.42
CA VAL D 163 -6.53 9.76 1.02
C VAL D 163 -7.91 9.26 0.63
N THR D 164 -8.41 9.73 -0.51
CA THR D 164 -9.71 9.26 -1.01
C THR D 164 -9.54 7.82 -1.50
N GLU D 165 -10.67 7.13 -1.74
CA GLU D 165 -10.65 5.81 -2.36
C GLU D 165 -10.45 6.11 -3.85
N GLN D 166 -10.08 5.08 -4.64
CA GLN D 166 -9.84 5.27 -6.07
C GLN D 166 -11.14 5.71 -6.80
N ASP D 167 -11.06 6.79 -7.61
CA ASP D 167 -12.19 7.37 -8.35
C ASP D 167 -12.77 6.36 -9.36
N SER D 168 -14.12 6.17 -9.38
CA SER D 168 -14.77 5.20 -10.29
C SER D 168 -14.69 5.53 -11.79
N LYS D 169 -14.29 6.77 -12.15
CA LYS D 169 -14.24 7.19 -13.54
C LYS D 169 -12.79 7.33 -14.07
N ASP D 170 -11.92 8.03 -13.33
CA ASP D 170 -10.55 8.21 -13.83
C ASP D 170 -9.49 7.34 -13.08
N SER D 171 -9.91 6.47 -12.14
CA SER D 171 -9.01 5.59 -11.36
C SER D 171 -7.88 6.34 -10.58
N THR D 172 -8.12 7.60 -10.19
CA THR D 172 -7.09 8.38 -9.48
C THR D 172 -7.44 8.51 -8.01
N TYR D 173 -6.47 9.04 -7.24
CA TYR D 173 -6.60 9.33 -5.83
C TYR D 173 -6.40 10.80 -5.61
N SER D 174 -6.88 11.29 -4.47
CA SER D 174 -6.56 12.63 -4.02
C SER D 174 -6.14 12.48 -2.58
N LEU D 175 -5.36 13.43 -2.10
CA LEU D 175 -4.85 13.33 -0.75
C LEU D 175 -4.73 14.71 -0.16
N SER D 176 -5.00 14.79 1.15
CA SER D 176 -4.85 16.01 1.92
CA SER D 176 -4.86 16.01 1.93
C SER D 176 -3.85 15.78 3.04
N SER D 177 -3.00 16.76 3.26
CA SER D 177 -2.07 16.71 4.37
C SER D 177 -2.39 18.00 5.14
N THR D 178 -2.70 17.88 6.42
CA THR D 178 -3.07 18.99 7.28
C THR D 178 -2.05 19.16 8.38
N LEU D 179 -1.34 20.29 8.38
CA LEU D 179 -0.35 20.67 9.37
C LEU D 179 -1.11 21.48 10.44
N THR D 180 -1.04 21.06 11.72
CA THR D 180 -1.72 21.76 12.83
C THR D 180 -0.71 22.41 13.79
N LEU D 181 -0.86 23.73 13.99
CA LEU D 181 0.00 24.53 14.87
C LEU D 181 -0.84 25.38 15.79
N SER D 182 -0.27 25.77 16.96
CA SER D 182 -0.94 26.72 17.84
C SER D 182 -0.88 28.06 17.09
N LYS D 183 -1.75 29.03 17.43
CA LYS D 183 -1.73 30.36 16.81
C LYS D 183 -0.33 30.99 17.00
N ALA D 184 0.22 30.93 18.22
CA ALA D 184 1.54 31.47 18.59
C ALA D 184 2.65 30.88 17.72
N ASP D 185 2.66 29.54 17.50
CA ASP D 185 3.65 28.86 16.66
C ASP D 185 3.54 29.26 15.18
N TYR D 186 2.29 29.40 14.70
CA TYR D 186 2.00 29.86 13.33
C TYR D 186 2.48 31.31 13.13
N GLU D 187 2.17 32.21 14.10
CA GLU D 187 2.55 33.63 14.07
C GLU D 187 4.08 33.85 14.13
N LYS D 188 4.84 32.82 14.54
CA LYS D 188 6.30 32.88 14.68
C LYS D 188 7.05 32.68 13.36
N HIS D 189 6.41 32.08 12.35
CA HIS D 189 7.06 31.76 11.09
C HIS D 189 6.43 32.44 9.88
N LYS D 190 7.22 32.62 8.79
CA LYS D 190 6.75 33.32 7.59
C LYS D 190 6.42 32.40 6.39
N VAL D 191 7.36 31.52 5.99
CA VAL D 191 7.19 30.67 4.80
C VAL D 191 6.67 29.26 5.14
N TYR D 192 5.49 28.94 4.61
CA TYR D 192 4.89 27.62 4.76
C TYR D 192 4.85 26.99 3.40
N ALA D 193 5.41 25.78 3.30
CA ALA D 193 5.47 25.07 2.04
C ALA D 193 5.24 23.60 2.21
N CYS D 194 4.58 22.99 1.20
CA CYS D 194 4.46 21.55 1.15
C CYS D 194 5.16 21.11 -0.13
N GLU D 195 6.10 20.17 0.03
CA GLU D 195 6.92 19.62 -1.03
C GLU D 195 6.42 18.23 -1.35
N VAL D 196 6.06 18.03 -2.61
CA VAL D 196 5.47 16.78 -3.08
C VAL D 196 6.43 16.00 -3.95
N THR D 197 6.57 14.72 -3.65
CA THR D 197 7.38 13.77 -4.39
C THR D 197 6.42 12.69 -4.88
N HIS D 198 6.48 12.37 -6.18
CA HIS D 198 5.57 11.38 -6.79
C HIS D 198 6.20 10.88 -8.08
N GLN D 199 5.87 9.63 -8.49
CA GLN D 199 6.39 8.98 -9.71
C GLN D 199 6.16 9.82 -10.97
N GLY D 200 5.03 10.52 -11.02
CA GLY D 200 4.65 11.39 -12.12
C GLY D 200 5.42 12.70 -12.20
N LEU D 201 6.18 13.06 -11.14
CA LEU D 201 6.95 14.32 -11.10
C LEU D 201 8.45 14.05 -11.27
N SER D 202 9.06 14.60 -12.34
CA SER D 202 10.50 14.44 -12.61
C SER D 202 11.36 15.09 -11.52
N SER D 203 10.85 16.16 -10.92
CA SER D 203 11.46 16.94 -9.85
C SER D 203 10.36 17.21 -8.76
N PRO D 204 10.70 17.21 -7.44
CA PRO D 204 9.68 17.51 -6.42
C PRO D 204 9.02 18.87 -6.66
N VAL D 205 7.71 18.94 -6.41
CA VAL D 205 6.93 20.15 -6.61
C VAL D 205 6.67 20.81 -5.27
N THR D 206 6.99 22.08 -5.17
CA THR D 206 6.76 22.83 -3.94
C THR D 206 5.68 23.91 -4.15
N LYS D 207 4.70 23.97 -3.24
CA LYS D 207 3.67 25.00 -3.22
C LYS D 207 3.83 25.75 -1.88
N SER D 208 3.84 27.08 -1.93
CA SER D 208 4.07 27.87 -0.71
C SER D 208 3.26 29.17 -0.60
N PHE D 209 3.31 29.79 0.59
CA PHE D 209 2.72 31.10 0.86
C PHE D 209 3.50 31.80 1.96
N ASN D 210 3.45 33.14 1.98
CA ASN D 210 4.06 33.98 3.02
C ASN D 210 2.93 34.44 3.93
N ARG D 211 2.99 34.08 5.22
CA ARG D 211 1.98 34.41 6.24
C ARG D 211 1.59 35.90 6.29
C1 EDO E . 18.37 6.33 7.03
O1 EDO E . 17.07 6.86 7.27
C2 EDO E . 19.23 6.26 8.31
O2 EDO E . 18.69 5.39 9.32
NA NA F . 8.21 -19.55 7.39
#